data_4P56
#
_entry.id   4P56
#
_cell.length_a   74.402
_cell.length_b   82.635
_cell.length_c   80.575
_cell.angle_alpha   90.000
_cell.angle_beta   90.840
_cell.angle_gamma   90.000
#
_symmetry.space_group_name_H-M   'P 1 21 1'
#
loop_
_entity.id
_entity.type
_entity.pdbx_description
1 polymer 'Putative extracellular solute-binding protein'
2 non-polymer '(R)-MANDELIC ACID'
3 non-polymer 'TRIETHYLENE GLYCOL'
4 non-polymer '(S)-MANDELIC ACID'
5 water water
#
_entity_poly.entity_id   1
_entity_poly.type   'polypeptide(L)'
_entity_poly.pdbx_seq_one_letter_code
;(MSE)HHHHHHSSGVDLGTENLYFQS(MSE)QKPVELTLSSWLPPTHAVVADFL(MSE)PWGEEIRKATDGRVTLRLLPK
AVTNPAGHFDAVRDGLVDVTFVSHAYYPGRFQLTKFAVLPFSGDTATSRSIAAWDTYEKYLLKADEHKGVRLLGIYAHGP
GIAFTTSKPVKQIGDFQGLKIRVGGG(MSE)AADVAKAVGASPIAKPAPESYELLSTGVADGVFFPAESLVSFKLDSIIR
HATEFPGGLYSDTHAVIINRDAFARLSKQDQDTLVRLSGRHLAELAGRAWDTHDAAARKVLEGGEIELVKADDALIEAVR
ERTKGFEQAWLDAAKAKGIDGPAALASFRAEIKQLDQQR
;
_entity_poly.pdbx_strand_id   A,B,C
#
loop_
_chem_comp.id
_chem_comp.type
_chem_comp.name
_chem_comp.formula
PGE non-polymer 'TRIETHYLENE GLYCOL' 'C6 H14 O4'
RMN non-polymer '(R)-MANDELIC ACID' 'C8 H8 O3'
SMN non-polymer '(S)-MANDELIC ACID' 'C8 H8 O3'
#
# COMPACT_ATOMS: atom_id res chain seq x y z
N VAL A 27 -1.06 -6.09 28.21
CA VAL A 27 -0.17 -6.05 27.05
C VAL A 27 -0.68 -6.87 25.88
N GLU A 28 -0.88 -6.19 24.77
CA GLU A 28 -1.27 -6.80 23.52
C GLU A 28 -0.03 -6.84 22.63
N LEU A 29 0.39 -8.04 22.27
CA LEU A 29 1.54 -8.21 21.44
C LEU A 29 1.11 -8.28 19.98
N THR A 30 1.66 -7.42 19.13
CA THR A 30 1.30 -7.52 17.74
C THR A 30 2.12 -8.65 17.10
N LEU A 31 1.48 -9.34 16.15
CA LEU A 31 2.03 -10.47 15.44
C LEU A 31 1.90 -10.22 13.93
N SER A 32 3.00 -10.30 13.18
CA SER A 32 2.90 -10.25 11.72
C SER A 32 3.17 -11.63 11.15
N SER A 33 2.37 -12.01 10.15
CA SER A 33 2.58 -13.26 9.43
C SER A 33 2.77 -13.06 7.93
N TRP A 34 3.73 -13.77 7.36
CA TRP A 34 3.98 -13.70 5.92
C TRP A 34 3.33 -14.89 5.22
N LEU A 35 2.56 -15.67 5.97
CA LEU A 35 1.72 -16.75 5.43
C LEU A 35 0.24 -16.39 5.52
N PRO A 36 -0.58 -16.95 4.63
CA PRO A 36 -2.03 -16.73 4.71
C PRO A 36 -2.55 -17.15 6.08
N PRO A 37 -3.62 -16.50 6.55
CA PRO A 37 -4.15 -16.82 7.89
C PRO A 37 -4.73 -18.22 7.98
N THR A 38 -5.06 -18.81 6.84
CA THR A 38 -5.58 -20.18 6.80
C THR A 38 -4.46 -21.24 6.88
N HIS A 39 -3.20 -20.83 6.69
CA HIS A 39 -2.08 -21.78 6.75
C HIS A 39 -1.94 -22.43 8.12
N ALA A 40 -1.48 -23.67 8.15
CA ALA A 40 -1.27 -24.39 9.41
C ALA A 40 -0.57 -23.56 10.50
N VAL A 41 0.55 -22.98 10.13
CA VAL A 41 1.33 -22.14 11.01
C VAL A 41 0.50 -21.06 11.71
N VAL A 42 -0.43 -20.45 11.00
CA VAL A 42 -1.26 -19.43 11.63
C VAL A 42 -2.50 -20.05 12.27
N ALA A 43 -3.33 -20.68 11.45
CA ALA A 43 -4.63 -21.14 11.87
C ALA A 43 -4.53 -22.18 12.95
N ASP A 44 -3.55 -23.09 12.83
CA ASP A 44 -3.54 -24.23 13.74
C ASP A 44 -2.38 -24.23 14.73
N PHE A 45 -1.54 -23.22 14.69
CA PHE A 45 -0.42 -23.13 15.63
C PHE A 45 -0.48 -21.80 16.37
N LEU A 46 -0.23 -20.70 15.67
CA LEU A 46 -0.09 -19.42 16.34
C LEU A 46 -1.38 -18.96 17.01
N MSE A 47 -2.51 -19.18 16.34
CA MSE A 47 -3.78 -18.72 16.92
C MSE A 47 -4.11 -19.50 18.21
O MSE A 47 -4.37 -18.90 19.25
CB MSE A 47 -4.92 -18.83 15.90
CG MSE A 47 -4.78 -17.83 14.75
SE MSE A 47 -4.79 -15.94 15.34
CE MSE A 47 -2.94 -15.56 15.72
H MSE A 47 -2.58 -19.58 15.59
HA MSE A 47 -3.70 -17.77 17.15
HB2 MSE A 47 -4.91 -19.73 15.52
HB3 MSE A 47 -5.76 -18.66 16.34
HG2 MSE A 47 -3.94 -18.00 14.30
HG3 MSE A 47 -5.51 -17.95 14.14
HE1 MSE A 47 -2.86 -14.64 16.01
HE2 MSE A 47 -2.63 -16.15 16.40
HE3 MSE A 47 -2.43 -15.68 14.92
N PRO A 48 -4.08 -20.84 18.15
CA PRO A 48 -4.31 -21.57 19.40
C PRO A 48 -3.29 -21.25 20.48
N TRP A 49 -2.05 -21.01 20.08
CA TRP A 49 -0.98 -20.71 21.03
C TRP A 49 -1.27 -19.37 21.69
N GLY A 50 -1.71 -18.41 20.90
CA GLY A 50 -2.13 -17.12 21.45
C GLY A 50 -3.27 -17.29 22.45
N GLU A 51 -4.20 -18.19 22.16
CA GLU A 51 -5.29 -18.45 23.09
C GLU A 51 -4.75 -19.04 24.41
N GLU A 52 -3.74 -19.91 24.30
CA GLU A 52 -3.15 -20.52 25.49
C GLU A 52 -2.51 -19.43 26.35
N ILE A 53 -1.78 -18.50 25.72
CA ILE A 53 -1.16 -17.39 26.43
C ILE A 53 -2.21 -16.46 27.12
N ARG A 54 -3.26 -16.13 26.38
CA ARG A 54 -4.33 -15.32 26.95
C ARG A 54 -4.90 -15.99 28.18
N LYS A 55 -5.31 -17.25 28.03
CA LYS A 55 -5.94 -17.94 29.14
C LYS A 55 -5.00 -18.10 30.35
N ALA A 56 -3.74 -18.41 30.11
CA ALA A 56 -2.78 -18.64 31.19
C ALA A 56 -2.31 -17.36 31.91
N THR A 57 -2.61 -16.18 31.37
CA THR A 57 -2.19 -14.91 31.97
C THR A 57 -3.42 -14.07 32.33
N ASP A 58 -4.57 -14.73 32.37
CA ASP A 58 -5.86 -14.11 32.64
C ASP A 58 -6.11 -12.87 31.79
N GLY A 59 -5.78 -12.95 30.50
CA GLY A 59 -5.98 -11.84 29.60
C GLY A 59 -4.93 -10.77 29.68
N ARG A 60 -3.95 -10.93 30.56
CA ARG A 60 -2.96 -9.86 30.73
C ARG A 60 -2.01 -9.77 29.54
N VAL A 61 -1.86 -10.88 28.83
CA VAL A 61 -1.03 -10.94 27.62
C VAL A 61 -1.85 -11.57 26.50
N THR A 62 -2.01 -10.84 25.40
CA THR A 62 -2.67 -11.39 24.22
C THR A 62 -1.82 -11.14 22.98
N LEU A 63 -2.10 -11.93 21.95
CA LEU A 63 -1.43 -11.80 20.63
C LEU A 63 -2.47 -11.27 19.66
N ARG A 64 -2.14 -10.19 18.95
CA ARG A 64 -3.06 -9.65 17.94
C ARG A 64 -2.44 -9.87 16.59
N LEU A 65 -3.08 -10.68 15.75
CA LEU A 65 -2.62 -10.88 14.38
C LEU A 65 -2.95 -9.69 13.48
N LEU A 66 -1.90 -9.07 12.95
CA LEU A 66 -2.09 -7.92 12.09
C LEU A 66 -2.71 -8.40 10.78
N PRO A 67 -3.57 -7.58 10.18
CA PRO A 67 -4.31 -8.01 8.98
C PRO A 67 -3.45 -8.15 7.70
N LYS A 68 -2.26 -7.56 7.68
CA LYS A 68 -1.35 -7.67 6.54
C LYS A 68 0.05 -7.96 7.04
N ALA A 69 0.87 -8.58 6.20
CA ALA A 69 2.30 -8.70 6.54
C ALA A 69 2.88 -7.28 6.58
N VAL A 70 3.71 -6.96 7.59
CA VAL A 70 4.25 -5.60 7.69
C VAL A 70 5.46 -5.38 6.78
N THR A 71 6.04 -6.47 6.29
CA THR A 71 7.15 -6.38 5.34
C THR A 71 7.25 -7.70 4.58
N ASN A 72 8.33 -7.89 3.82
CA ASN A 72 8.51 -9.16 3.09
C ASN A 72 8.91 -10.27 4.04
N PRO A 73 8.88 -11.52 3.59
CA PRO A 73 9.14 -12.60 4.57
C PRO A 73 10.49 -12.52 5.29
N ALA A 74 11.57 -12.33 4.56
CA ALA A 74 12.87 -12.28 5.20
C ALA A 74 13.00 -11.07 6.12
N GLY A 75 12.30 -9.98 5.78
CA GLY A 75 12.32 -8.75 6.57
C GLY A 75 11.69 -8.86 7.95
N HIS A 76 11.03 -9.97 8.21
CA HIS A 76 10.33 -10.14 9.47
C HIS A 76 11.27 -10.23 10.69
N PHE A 77 12.51 -10.67 10.52
CA PHE A 77 13.40 -10.72 11.67
C PHE A 77 13.69 -9.30 12.15
N ASP A 78 14.13 -8.45 11.22
CA ASP A 78 14.39 -7.05 11.54
C ASP A 78 13.12 -6.30 12.02
N ALA A 79 11.96 -6.64 11.48
CA ALA A 79 10.71 -6.00 11.94
C ALA A 79 10.57 -6.19 13.44
N VAL A 80 10.91 -7.38 13.92
CA VAL A 80 10.85 -7.63 15.36
C VAL A 80 11.97 -6.89 16.10
N ARG A 81 13.20 -7.00 15.60
CA ARG A 81 14.33 -6.40 16.24
C ARG A 81 14.15 -4.89 16.35
N ASP A 82 13.58 -4.30 15.30
CA ASP A 82 13.40 -2.85 15.24
C ASP A 82 12.15 -2.37 15.97
N GLY A 83 11.33 -3.29 16.44
CA GLY A 83 10.17 -2.90 17.23
C GLY A 83 8.92 -2.52 16.41
N LEU A 84 8.95 -2.85 15.12
CA LEU A 84 7.81 -2.61 14.23
C LEU A 84 6.65 -3.53 14.58
N VAL A 85 6.98 -4.75 14.99
CA VAL A 85 5.98 -5.69 15.52
C VAL A 85 6.61 -6.43 16.66
N ASP A 86 5.78 -7.06 17.50
CA ASP A 86 6.29 -7.65 18.72
C ASP A 86 6.73 -9.11 18.54
N VAL A 87 6.01 -9.86 17.71
CA VAL A 87 6.22 -11.29 17.57
C VAL A 87 6.12 -11.71 16.11
N THR A 88 6.96 -12.64 15.70
CA THR A 88 6.76 -13.26 14.41
C THR A 88 7.42 -14.62 14.35
N PHE A 89 7.31 -15.25 13.18
CA PHE A 89 8.10 -16.45 12.88
C PHE A 89 8.98 -16.19 11.67
N VAL A 90 10.17 -16.81 11.64
CA VAL A 90 11.09 -16.58 10.54
C VAL A 90 11.62 -17.93 10.10
N SER A 91 11.88 -18.07 8.81
CA SER A 91 12.47 -19.30 8.32
C SER A 91 13.99 -19.18 8.32
N HIS A 92 14.64 -20.18 8.90
CA HIS A 92 16.09 -20.20 8.97
C HIS A 92 16.71 -20.29 7.59
N ALA A 93 15.94 -20.78 6.63
CA ALA A 93 16.39 -20.83 5.25
C ALA A 93 16.53 -19.45 4.58
N TYR A 94 15.88 -18.42 5.11
CA TYR A 94 15.75 -17.17 4.39
C TYR A 94 16.92 -16.22 4.66
N TYR A 95 17.90 -16.66 5.45
CA TYR A 95 19.05 -15.80 5.83
C TYR A 95 20.39 -16.45 5.55
N PRO A 96 20.85 -16.38 4.31
CA PRO A 96 22.10 -17.02 3.87
C PRO A 96 23.23 -16.66 4.79
N GLY A 97 23.88 -17.67 5.37
CA GLY A 97 25.01 -17.50 6.26
C GLY A 97 24.74 -17.35 7.75
N ARG A 98 23.47 -17.25 8.20
CA ARG A 98 23.21 -16.73 9.55
C ARG A 98 22.75 -17.71 10.61
N PHE A 99 22.26 -18.83 10.13
CA PHE A 99 21.67 -19.88 10.95
C PHE A 99 22.27 -21.22 10.55
N GLN A 100 23.58 -21.21 10.33
CA GLN A 100 24.28 -22.43 9.95
C GLN A 100 24.13 -23.52 10.98
N LEU A 101 24.02 -23.15 12.26
CA LEU A 101 23.92 -24.16 13.30
C LEU A 101 22.58 -24.93 13.28
N THR A 102 21.56 -24.43 12.62
CA THR A 102 20.29 -25.16 12.59
C THR A 102 20.28 -26.37 11.65
N LYS A 103 21.30 -26.48 10.82
CA LYS A 103 21.29 -27.46 9.74
C LYS A 103 21.37 -28.92 10.21
N PHE A 104 21.82 -29.19 11.44
CA PHE A 104 21.85 -30.56 11.97
C PHE A 104 20.45 -31.18 11.95
N ALA A 105 19.41 -30.34 12.05
CA ALA A 105 18.05 -30.83 12.29
C ALA A 105 17.28 -31.15 11.00
N VAL A 106 17.88 -30.85 9.86
CA VAL A 106 17.16 -30.86 8.59
C VAL A 106 17.90 -31.62 7.48
N LEU A 107 18.86 -32.45 7.87
CA LEU A 107 19.64 -33.20 6.90
C LEU A 107 18.74 -34.20 6.15
N PRO A 108 19.18 -34.63 4.98
CA PRO A 108 18.36 -35.65 4.28
C PRO A 108 18.16 -36.93 5.11
N PHE A 109 16.95 -37.48 5.04
CA PHE A 109 16.63 -38.84 5.53
C PHE A 109 16.71 -39.03 7.03
N SER A 110 16.30 -38.02 7.78
CA SER A 110 16.61 -37.97 9.19
C SER A 110 15.42 -37.87 10.12
N GLY A 111 14.20 -37.81 9.60
CA GLY A 111 13.08 -37.56 10.50
C GLY A 111 11.73 -37.74 9.84
N ASP A 112 10.89 -38.56 10.48
CA ASP A 112 9.62 -39.00 9.90
C ASP A 112 8.50 -37.95 9.94
N THR A 113 8.50 -37.15 10.99
CA THR A 113 7.37 -36.24 11.21
C THR A 113 7.87 -34.86 11.63
N ALA A 114 7.03 -33.85 11.44
CA ALA A 114 7.33 -32.52 11.94
C ALA A 114 7.37 -32.52 13.47
N THR A 115 6.53 -33.33 14.10
CA THR A 115 6.49 -33.35 15.57
C THR A 115 7.80 -33.82 16.17
N SER A 116 8.27 -34.99 15.76
CA SER A 116 9.53 -35.49 16.30
C SER A 116 10.72 -34.56 16.01
N ARG A 117 10.82 -34.09 14.77
CA ARG A 117 11.92 -33.18 14.37
C ARG A 117 11.89 -31.83 15.11
N SER A 118 10.69 -31.28 15.31
CA SER A 118 10.55 -30.02 16.01
C SER A 118 11.02 -30.15 17.45
N ILE A 119 10.54 -31.18 18.14
CA ILE A 119 10.87 -31.36 19.54
C ILE A 119 12.36 -31.60 19.67
N ALA A 120 12.92 -32.49 18.84
CA ALA A 120 14.33 -32.80 18.94
C ALA A 120 15.19 -31.62 18.52
N ALA A 121 14.73 -30.86 17.53
CA ALA A 121 15.51 -29.68 17.11
C ALA A 121 15.58 -28.64 18.21
N TRP A 122 14.44 -28.30 18.80
CA TRP A 122 14.44 -27.33 19.89
C TRP A 122 15.24 -27.83 21.08
N ASP A 123 15.03 -29.06 21.49
CA ASP A 123 15.70 -29.56 22.69
C ASP A 123 17.21 -29.46 22.47
N THR A 124 17.65 -29.76 21.26
CA THR A 124 19.10 -29.78 20.96
C THR A 124 19.62 -28.33 20.97
N TYR A 125 18.88 -27.45 20.28
CA TYR A 125 19.25 -26.03 20.15
C TYR A 125 19.33 -25.37 21.52
N GLU A 126 18.31 -25.60 22.33
CA GLU A 126 18.26 -25.05 23.68
C GLU A 126 19.45 -25.56 24.53
N LYS A 127 19.71 -26.85 24.49
CA LYS A 127 20.77 -27.42 25.35
C LYS A 127 22.19 -27.04 24.90
N TYR A 128 22.44 -26.97 23.60
CA TYR A 128 23.83 -26.88 23.13
C TYR A 128 24.17 -25.61 22.35
N LEU A 129 23.18 -24.96 21.75
CA LEU A 129 23.50 -24.01 20.69
C LEU A 129 23.13 -22.55 20.99
N LEU A 130 22.39 -22.32 22.06
CA LEU A 130 21.91 -20.97 22.36
C LEU A 130 23.06 -19.99 22.55
N LYS A 131 24.15 -20.44 23.17
CA LYS A 131 25.28 -19.57 23.48
C LYS A 131 25.99 -18.95 22.27
N ALA A 132 25.78 -19.53 21.09
CA ALA A 132 26.36 -19.03 19.85
C ALA A 132 25.72 -17.72 19.32
N ASP A 133 24.55 -17.39 19.85
CA ASP A 133 23.88 -16.09 19.63
C ASP A 133 23.46 -15.88 18.17
N GLU A 134 23.04 -16.94 17.49
CA GLU A 134 22.59 -16.77 16.10
C GLU A 134 21.38 -15.84 15.97
N HIS A 135 20.52 -15.78 17.01
CA HIS A 135 19.30 -14.95 16.99
C HIS A 135 19.54 -13.60 17.68
N LYS A 136 20.74 -13.03 17.48
CA LYS A 136 21.12 -11.83 18.19
C LYS A 136 20.08 -10.73 18.01
N GLY A 137 19.74 -10.05 19.09
CA GLY A 137 18.95 -8.83 19.02
C GLY A 137 17.46 -9.03 19.24
N VAL A 138 17.00 -10.27 19.31
CA VAL A 138 15.61 -10.57 19.65
C VAL A 138 15.61 -11.69 20.71
N ARG A 139 14.47 -11.93 21.35
CA ARG A 139 14.38 -13.09 22.25
C ARG A 139 13.87 -14.26 21.47
N LEU A 140 14.62 -15.36 21.51
CA LEU A 140 14.20 -16.59 20.85
C LEU A 140 13.27 -17.35 21.79
N LEU A 141 12.03 -17.53 21.38
CA LEU A 141 11.07 -18.26 22.21
C LEU A 141 11.12 -19.77 21.91
N GLY A 142 11.28 -20.15 20.64
CA GLY A 142 11.24 -21.55 20.29
C GLY A 142 11.55 -21.77 18.82
N ILE A 143 11.73 -23.04 18.45
CA ILE A 143 12.01 -23.43 17.10
C ILE A 143 11.12 -24.62 16.78
N TYR A 144 10.70 -24.73 15.54
CA TYR A 144 9.98 -25.89 15.08
C TYR A 144 10.49 -26.21 13.65
N ALA A 145 10.08 -27.35 13.12
CA ALA A 145 10.47 -27.76 11.78
C ALA A 145 9.22 -28.25 11.09
N HIS A 146 9.19 -28.18 9.75
CA HIS A 146 8.08 -28.81 9.05
C HIS A 146 8.37 -30.30 8.80
N GLY A 147 7.48 -30.95 8.05
CA GLY A 147 7.61 -32.37 7.84
C GLY A 147 8.62 -32.71 6.77
N PRO A 148 8.67 -33.99 6.38
CA PRO A 148 9.58 -34.48 5.35
C PRO A 148 9.42 -33.70 4.06
N GLY A 149 10.53 -33.22 3.52
CA GLY A 149 10.52 -32.49 2.26
C GLY A 149 10.32 -33.45 1.09
N ILE A 150 9.60 -32.98 0.10
CA ILE A 150 9.28 -33.78 -1.08
C ILE A 150 9.76 -33.06 -2.33
N ALA A 151 10.17 -33.81 -3.34
CA ALA A 151 10.53 -33.20 -4.59
C ALA A 151 9.33 -33.18 -5.54
N PHE A 152 8.74 -31.99 -5.69
CA PHE A 152 7.60 -31.81 -6.61
C PHE A 152 8.03 -31.19 -7.93
N THR A 153 7.51 -31.73 -9.03
CA THR A 153 7.77 -31.13 -10.34
C THR A 153 6.53 -31.05 -11.19
N THR A 154 6.56 -30.12 -12.13
CA THR A 154 5.40 -29.82 -12.94
C THR A 154 5.21 -30.90 -13.99
N SER A 155 6.28 -31.28 -14.71
CA SER A 155 6.13 -32.21 -15.83
C SER A 155 7.23 -33.27 -15.92
N LYS A 156 8.23 -33.19 -15.06
CA LYS A 156 9.39 -34.07 -15.19
C LYS A 156 9.48 -34.99 -13.98
N PRO A 157 9.29 -36.29 -14.19
CA PRO A 157 9.39 -37.22 -13.07
C PRO A 157 10.80 -37.33 -12.55
N VAL A 158 10.91 -37.59 -11.25
CA VAL A 158 12.21 -37.79 -10.63
C VAL A 158 12.29 -39.20 -10.07
N LYS A 159 12.92 -40.09 -10.83
CA LYS A 159 13.05 -41.48 -10.46
C LYS A 159 14.52 -41.94 -10.37
N GLN A 160 15.43 -41.23 -11.02
CA GLN A 160 16.86 -41.53 -10.90
C GLN A 160 17.64 -40.22 -10.73
N ILE A 161 18.85 -40.30 -10.19
CA ILE A 161 19.58 -39.09 -9.75
C ILE A 161 19.71 -38.10 -10.91
N GLY A 162 19.92 -38.63 -12.12
CA GLY A 162 20.12 -37.80 -13.28
C GLY A 162 18.91 -36.94 -13.62
N ASP A 163 17.72 -37.32 -13.16
CA ASP A 163 16.50 -36.56 -13.45
C ASP A 163 16.49 -35.16 -12.82
N PHE A 164 17.30 -34.95 -11.77
CA PHE A 164 17.39 -33.60 -11.18
C PHE A 164 18.18 -32.64 -12.03
N GLN A 165 19.02 -33.16 -12.94
CA GLN A 165 20.00 -32.29 -13.59
C GLN A 165 19.29 -31.21 -14.38
N GLY A 166 19.59 -29.95 -14.06
CA GLY A 166 19.04 -28.84 -14.80
C GLY A 166 17.66 -28.34 -14.38
N LEU A 167 16.94 -29.08 -13.52
CA LEU A 167 15.64 -28.59 -13.07
C LEU A 167 15.79 -27.32 -12.25
N LYS A 168 14.97 -26.34 -12.58
CA LYS A 168 14.90 -25.11 -11.81
C LYS A 168 13.89 -25.31 -10.71
N ILE A 169 14.41 -25.39 -9.49
CA ILE A 169 13.60 -25.77 -8.34
C ILE A 169 13.50 -24.65 -7.32
N ARG A 170 12.28 -24.21 -7.07
CA ARG A 170 12.04 -23.23 -6.02
C ARG A 170 12.38 -23.86 -4.68
N VAL A 171 13.35 -23.29 -3.98
CA VAL A 171 13.66 -23.70 -2.63
C VAL A 171 13.62 -22.52 -1.66
N GLY A 172 13.39 -22.78 -0.38
CA GLY A 172 13.42 -21.70 0.58
C GLY A 172 14.80 -21.06 0.70
N GLY A 173 15.81 -21.90 0.63
CA GLY A 173 17.18 -21.52 0.90
C GLY A 173 17.77 -22.60 1.76
N GLY A 174 18.85 -22.31 2.49
CA GLY A 174 19.38 -23.26 3.46
C GLY A 174 19.58 -24.68 2.92
N MSE A 175 19.18 -25.67 3.71
CA MSE A 175 19.41 -27.07 3.39
C MSE A 175 18.73 -27.44 2.07
O MSE A 175 19.30 -28.16 1.26
CB MSE A 175 18.87 -27.92 4.52
CG MSE A 175 19.04 -29.43 4.35
SE MSE A 175 20.93 -29.99 4.13
CE MSE A 175 21.67 -29.34 5.85
H MSE A 175 18.77 -25.54 4.46
HA MSE A 175 20.37 -27.23 3.32
HB2 MSE A 175 19.33 -27.68 5.35
HB3 MSE A 175 17.92 -27.75 4.63
HG2 MSE A 175 18.68 -29.88 5.14
HG3 MSE A 175 18.54 -29.71 3.56
HE1 MSE A 175 22.60 -29.54 5.89
HE2 MSE A 175 21.54 -28.39 5.90
HE3 MSE A 175 21.20 -29.78 6.57
N ALA A 176 17.53 -26.91 1.84
CA ALA A 176 16.79 -27.25 0.63
C ALA A 176 17.67 -26.88 -0.56
N ALA A 177 18.27 -25.69 -0.49
CA ALA A 177 19.12 -25.19 -1.53
C ALA A 177 20.40 -26.02 -1.63
N ASP A 178 20.97 -26.39 -0.49
CA ASP A 178 22.21 -27.20 -0.47
C ASP A 178 21.92 -28.52 -1.17
N VAL A 179 20.79 -29.14 -0.83
CA VAL A 179 20.40 -30.40 -1.45
C VAL A 179 20.15 -30.22 -2.97
N ALA A 180 19.36 -29.24 -3.36
CA ALA A 180 19.12 -29.00 -4.79
C ALA A 180 20.44 -28.90 -5.58
N LYS A 181 21.35 -28.07 -5.08
CA LYS A 181 22.64 -27.88 -5.75
C LYS A 181 23.37 -29.21 -5.80
N ALA A 182 23.39 -29.93 -4.68
CA ALA A 182 24.20 -31.16 -4.62
C ALA A 182 23.71 -32.23 -5.62
N VAL A 183 22.40 -32.33 -5.80
CA VAL A 183 21.85 -33.32 -6.71
C VAL A 183 21.85 -32.82 -8.16
N GLY A 184 22.34 -31.60 -8.40
CA GLY A 184 22.55 -31.13 -9.75
C GLY A 184 21.41 -30.28 -10.28
N ALA A 185 20.45 -29.95 -9.43
CA ALA A 185 19.36 -29.04 -9.86
C ALA A 185 19.83 -27.58 -9.74
N SER A 186 19.01 -26.65 -10.21
CA SER A 186 19.37 -25.21 -10.13
C SER A 186 18.42 -24.56 -9.14
N PRO A 187 18.89 -24.36 -7.92
CA PRO A 187 17.95 -23.80 -6.96
C PRO A 187 17.57 -22.38 -7.28
N ILE A 188 16.29 -22.10 -7.12
CA ILE A 188 15.75 -20.76 -7.10
C ILE A 188 15.31 -20.46 -5.67
N ALA A 189 16.16 -19.77 -4.91
CA ALA A 189 15.87 -19.46 -3.50
C ALA A 189 14.98 -18.26 -3.39
N LYS A 190 13.70 -18.50 -3.08
CA LYS A 190 12.71 -17.44 -2.85
C LYS A 190 11.75 -17.93 -1.75
N PRO A 191 11.13 -16.97 -1.03
CA PRO A 191 10.23 -17.36 0.04
C PRO A 191 9.03 -18.13 -0.49
N ALA A 192 8.44 -18.96 0.38
CA ALA A 192 7.34 -19.85 0.00
C ALA A 192 6.20 -19.19 -0.79
N PRO A 193 5.73 -18.02 -0.38
CA PRO A 193 4.60 -17.45 -1.13
C PRO A 193 4.90 -17.16 -2.61
N GLU A 194 6.17 -17.16 -3.01
CA GLU A 194 6.47 -16.93 -4.42
C GLU A 194 6.28 -18.19 -5.28
N SER A 195 5.99 -19.33 -4.66
CA SER A 195 6.03 -20.60 -5.37
C SER A 195 4.95 -20.68 -6.47
N TYR A 196 3.76 -20.17 -6.19
CA TYR A 196 2.67 -20.25 -7.16
C TYR A 196 3.02 -19.44 -8.41
N GLU A 197 3.47 -18.21 -8.24
CA GLU A 197 3.83 -17.40 -9.40
C GLU A 197 4.95 -18.06 -10.24
N LEU A 198 5.97 -18.55 -9.58
CA LEU A 198 7.12 -19.10 -10.29
C LEU A 198 6.77 -20.38 -11.04
N LEU A 199 5.86 -21.17 -10.45
CA LEU A 199 5.46 -22.42 -11.07
C LEU A 199 4.41 -22.21 -12.13
N SER A 200 3.41 -21.39 -11.81
CA SER A 200 2.32 -21.15 -12.77
C SER A 200 2.84 -20.54 -14.07
N THR A 201 3.87 -19.70 -13.98
CA THR A 201 4.41 -19.01 -15.17
C THR A 201 5.45 -19.83 -15.91
N GLY A 202 5.87 -20.94 -15.30
CA GLY A 202 6.87 -21.82 -15.88
C GLY A 202 8.31 -21.38 -15.70
N VAL A 203 8.58 -20.44 -14.79
CA VAL A 203 9.95 -20.05 -14.47
C VAL A 203 10.63 -21.20 -13.76
N ALA A 204 9.95 -21.78 -12.78
CA ALA A 204 10.44 -22.95 -12.07
C ALA A 204 9.84 -24.23 -12.64
N ASP A 205 10.65 -25.31 -12.64
CA ASP A 205 10.23 -26.64 -13.08
C ASP A 205 9.63 -27.43 -11.94
N GLY A 206 9.82 -26.93 -10.73
CA GLY A 206 9.49 -27.71 -9.57
C GLY A 206 9.76 -26.96 -8.28
N VAL A 207 9.51 -27.64 -7.17
CA VAL A 207 9.57 -27.02 -5.86
C VAL A 207 9.87 -28.06 -4.81
N PHE A 208 10.69 -27.68 -3.84
CA PHE A 208 10.94 -28.52 -2.67
C PHE A 208 10.00 -27.96 -1.61
N PHE A 209 9.01 -28.76 -1.20
CA PHE A 209 8.06 -28.39 -0.17
C PHE A 209 7.69 -29.65 0.63
N PRO A 210 7.17 -29.48 1.86
CA PRO A 210 6.52 -30.61 2.52
C PRO A 210 5.14 -30.83 1.90
N ALA A 211 4.49 -31.94 2.22
CA ALA A 211 3.25 -32.31 1.57
C ALA A 211 2.17 -31.22 1.64
N GLU A 212 1.99 -30.60 2.80
CA GLU A 212 0.84 -29.71 3.02
C GLU A 212 0.86 -28.53 2.05
N SER A 213 2.08 -28.13 1.67
CA SER A 213 2.30 -26.94 0.89
C SER A 213 1.77 -27.10 -0.53
N LEU A 214 1.79 -28.32 -1.05
CA LEU A 214 1.17 -28.61 -2.34
C LEU A 214 -0.25 -28.03 -2.37
N VAL A 215 -0.95 -28.16 -1.26
CA VAL A 215 -2.35 -27.78 -1.22
C VAL A 215 -2.51 -26.33 -0.74
N SER A 216 -1.77 -25.95 0.30
CA SER A 216 -2.03 -24.63 0.88
C SER A 216 -1.57 -23.52 -0.06
N PHE A 217 -0.56 -23.80 -0.88
CA PHE A 217 -0.09 -22.82 -1.84
C PHE A 217 -0.77 -22.98 -3.22
N LYS A 218 -1.75 -23.87 -3.27
CA LYS A 218 -2.61 -24.05 -4.44
C LYS A 218 -1.84 -24.50 -5.65
N LEU A 219 -0.92 -25.44 -5.46
CA LEU A 219 -0.06 -25.92 -6.54
C LEU A 219 -0.55 -27.21 -7.18
N ASP A 220 -1.66 -27.77 -6.69
CA ASP A 220 -2.00 -29.13 -7.11
C ASP A 220 -2.71 -29.22 -8.46
N SER A 221 -2.92 -28.09 -9.11
CA SER A 221 -3.41 -28.10 -10.49
C SER A 221 -2.28 -27.84 -11.49
N ILE A 222 -1.07 -27.65 -10.97
CA ILE A 222 0.12 -27.44 -11.79
C ILE A 222 1.10 -28.62 -11.65
N ILE A 223 1.38 -28.97 -10.41
CA ILE A 223 2.30 -30.07 -10.10
C ILE A 223 1.67 -31.41 -10.51
N ARG A 224 2.37 -32.19 -11.32
CA ARG A 224 1.91 -33.52 -11.71
C ARG A 224 2.82 -34.67 -11.24
N HIS A 225 3.89 -34.35 -10.52
CA HIS A 225 4.88 -35.36 -10.16
C HIS A 225 5.41 -35.09 -8.77
N ALA A 226 5.60 -36.14 -7.99
CA ALA A 226 6.17 -36.00 -6.65
C ALA A 226 7.00 -37.24 -6.33
N THR A 227 8.17 -37.02 -5.74
CA THR A 227 9.01 -38.11 -5.26
C THR A 227 9.27 -37.93 -3.79
N GLU A 228 8.86 -38.93 -3.02
CA GLU A 228 9.02 -38.89 -1.58
C GLU A 228 10.22 -39.72 -1.20
N PHE A 229 10.81 -39.38 -0.07
CA PHE A 229 12.03 -40.01 0.41
C PHE A 229 11.83 -40.36 1.87
N PRO A 230 12.30 -41.55 2.29
CA PRO A 230 12.18 -41.92 3.69
C PRO A 230 12.91 -40.93 4.59
N GLY A 231 12.18 -40.40 5.57
CA GLY A 231 12.73 -39.44 6.50
C GLY A 231 12.92 -38.07 5.89
N GLY A 232 12.41 -37.90 4.67
CA GLY A 232 12.46 -36.61 4.02
C GLY A 232 13.71 -36.36 3.18
N LEU A 233 13.54 -35.62 2.10
CA LEU A 233 14.66 -35.22 1.28
C LEU A 233 15.47 -34.15 1.99
N TYR A 234 14.80 -33.38 2.81
CA TYR A 234 15.39 -32.26 3.57
C TYR A 234 14.24 -31.76 4.44
N SER A 235 14.52 -30.81 5.32
CA SER A 235 13.44 -30.12 6.01
C SER A 235 13.91 -28.68 6.25
N ASP A 236 13.15 -27.92 7.01
CA ASP A 236 13.46 -26.50 7.28
C ASP A 236 12.98 -26.23 8.69
N THR A 237 13.65 -25.30 9.37
CA THR A 237 13.27 -24.95 10.74
C THR A 237 12.84 -23.50 10.72
N HIS A 238 11.89 -23.16 11.58
CA HIS A 238 11.54 -21.78 11.80
C HIS A 238 11.78 -21.42 13.25
N ALA A 239 11.93 -20.14 13.51
CA ALA A 239 12.05 -19.64 14.88
C ALA A 239 10.87 -18.75 15.23
N VAL A 240 10.34 -18.87 16.44
CA VAL A 240 9.39 -17.88 16.93
C VAL A 240 10.16 -16.90 17.86
N ILE A 241 10.05 -15.60 17.58
CA ILE A 241 10.85 -14.59 18.24
C ILE A 241 9.97 -13.45 18.78
N ILE A 242 10.47 -12.77 19.82
CA ILE A 242 9.78 -11.62 20.39
C ILE A 242 10.75 -10.49 20.66
N ASN A 243 10.26 -9.29 20.43
CA ASN A 243 11.05 -8.11 20.67
C ASN A 243 11.40 -8.06 22.16
N ARG A 244 12.65 -7.71 22.48
CA ARG A 244 13.10 -7.80 23.87
C ARG A 244 12.45 -6.76 24.77
N ASP A 245 12.21 -5.57 24.24
CA ASP A 245 11.54 -4.53 25.02
C ASP A 245 10.09 -4.93 25.35
N ALA A 246 9.42 -5.53 24.39
CA ALA A 246 8.04 -6.01 24.62
C ALA A 246 8.01 -7.08 25.70
N PHE A 247 8.91 -8.05 25.61
CA PHE A 247 8.97 -9.08 26.64
C PHE A 247 9.21 -8.42 28.00
N ALA A 248 10.03 -7.37 28.04
CA ALA A 248 10.33 -6.69 29.30
C ALA A 248 9.12 -5.98 29.89
N ARG A 249 8.09 -5.77 29.08
CA ARG A 249 6.87 -5.09 29.55
C ARG A 249 5.96 -6.04 30.33
N LEU A 250 6.18 -7.34 30.22
CA LEU A 250 5.35 -8.30 30.95
C LEU A 250 5.84 -8.42 32.39
N SER A 251 4.94 -8.80 33.29
CA SER A 251 5.38 -9.05 34.68
C SER A 251 6.33 -10.25 34.66
N LYS A 252 7.12 -10.41 35.71
CA LYS A 252 7.96 -11.58 35.84
C LYS A 252 7.16 -12.88 35.74
N GLN A 253 5.98 -12.92 36.38
CA GLN A 253 5.19 -14.14 36.37
C GLN A 253 4.77 -14.46 34.95
N ASP A 254 4.42 -13.43 34.19
CA ASP A 254 3.89 -13.62 32.85
C ASP A 254 5.02 -13.91 31.86
N GLN A 255 6.20 -13.34 32.11
CA GLN A 255 7.39 -13.72 31.35
C GLN A 255 7.64 -15.21 31.52
N ASP A 256 7.61 -15.69 32.76
CA ASP A 256 7.82 -17.11 33.05
C ASP A 256 6.78 -17.98 32.37
N THR A 257 5.54 -17.53 32.41
CA THR A 257 4.45 -18.24 31.73
C THR A 257 4.65 -18.31 30.22
N LEU A 258 4.98 -17.18 29.59
CA LEU A 258 5.19 -17.16 28.16
C LEU A 258 6.33 -18.12 27.79
N VAL A 259 7.40 -18.08 28.57
CA VAL A 259 8.50 -19.01 28.34
C VAL A 259 8.07 -20.47 28.52
N ARG A 260 7.27 -20.76 29.53
CA ARG A 260 6.80 -22.13 29.77
C ARG A 260 5.92 -22.65 28.62
N LEU A 261 5.20 -21.74 28.00
CA LEU A 261 4.33 -22.05 26.86
C LEU A 261 5.14 -22.02 25.55
N SER A 262 6.42 -21.70 25.63
CA SER A 262 7.25 -21.65 24.43
C SER A 262 8.15 -22.88 24.39
N GLY A 263 9.35 -22.75 23.79
CA GLY A 263 10.29 -23.84 23.80
C GLY A 263 9.68 -25.16 23.37
N ARG A 264 9.82 -26.20 24.19
CA ARG A 264 9.41 -27.53 23.78
C ARG A 264 7.90 -27.63 23.56
N HIS A 265 7.16 -26.89 24.37
CA HIS A 265 5.68 -26.86 24.26
C HIS A 265 5.26 -26.31 22.91
N LEU A 266 5.89 -25.21 22.52
CA LEU A 266 5.65 -24.57 21.21
C LEU A 266 6.09 -25.51 20.06
N ALA A 267 7.25 -26.15 20.23
CA ALA A 267 7.76 -27.03 19.22
C ALA A 267 6.76 -28.13 18.92
N GLU A 268 6.20 -28.70 19.97
CA GLU A 268 5.21 -29.76 19.80
C GLU A 268 3.90 -29.24 19.19
N LEU A 269 3.43 -28.09 19.65
CA LEU A 269 2.20 -27.53 19.08
C LEU A 269 2.37 -27.30 17.57
N ALA A 270 3.47 -26.70 17.17
CA ALA A 270 3.66 -26.37 15.77
C ALA A 270 3.83 -27.65 14.94
N GLY A 271 4.62 -28.58 15.45
CA GLY A 271 4.92 -29.79 14.75
C GLY A 271 3.60 -30.55 14.52
N ARG A 272 2.75 -30.57 15.54
CA ARG A 272 1.48 -31.30 15.39
C ARG A 272 0.59 -30.69 14.31
N ALA A 273 0.63 -29.37 14.17
CA ALA A 273 -0.12 -28.68 13.14
C ALA A 273 0.39 -29.08 11.76
N TRP A 274 1.70 -29.00 11.56
CA TRP A 274 2.30 -29.38 10.29
C TRP A 274 1.96 -30.80 9.89
N ASP A 275 2.11 -31.73 10.85
CA ASP A 275 1.82 -33.15 10.61
C ASP A 275 0.36 -33.41 10.26
N THR A 276 -0.54 -32.66 10.88
CA THR A 276 -1.96 -32.83 10.60
C THR A 276 -2.25 -32.36 9.18
N HIS A 277 -1.66 -31.24 8.80
CA HIS A 277 -1.87 -30.77 7.43
C HIS A 277 -1.22 -31.64 6.38
N ASP A 278 -0.02 -32.11 6.67
CA ASP A 278 0.65 -33.08 5.80
C ASP A 278 -0.25 -34.31 5.55
N ALA A 279 -0.89 -34.80 6.60
CA ALA A 279 -1.67 -36.02 6.48
C ALA A 279 -2.92 -35.75 5.64
N ALA A 280 -3.54 -34.59 5.85
CA ALA A 280 -4.70 -34.19 5.04
C ALA A 280 -4.36 -34.11 3.55
N ALA A 281 -3.15 -33.66 3.26
CA ALA A 281 -2.71 -33.44 1.87
C ALA A 281 -2.51 -34.74 1.10
N ARG A 282 -2.39 -35.85 1.81
CA ARG A 282 -2.23 -37.12 1.15
C ARG A 282 -3.44 -37.48 0.29
N LYS A 283 -4.62 -36.97 0.59
CA LYS A 283 -5.75 -37.30 -0.28
C LYS A 283 -5.44 -36.78 -1.69
N VAL A 284 -4.76 -35.63 -1.78
CA VAL A 284 -4.36 -35.13 -3.08
C VAL A 284 -3.15 -35.88 -3.62
N LEU A 285 -2.12 -36.10 -2.79
CA LEU A 285 -0.94 -36.84 -3.24
C LEU A 285 -1.28 -38.21 -3.80
N GLU A 286 -2.20 -38.91 -3.15
CA GLU A 286 -2.49 -40.29 -3.51
C GLU A 286 -3.63 -40.41 -4.53
N GLY A 287 -4.15 -39.28 -4.97
CA GLY A 287 -5.41 -39.25 -5.67
C GLY A 287 -5.42 -39.63 -7.14
N GLY A 288 -4.25 -39.73 -7.76
CA GLY A 288 -4.16 -40.25 -9.12
C GLY A 288 -3.78 -39.23 -10.18
N GLU A 289 -3.93 -37.94 -9.89
CA GLU A 289 -3.60 -36.94 -10.89
C GLU A 289 -2.11 -36.60 -10.82
N ILE A 290 -1.52 -36.85 -9.67
CA ILE A 290 -0.08 -36.72 -9.51
C ILE A 290 0.53 -38.09 -9.67
N GLU A 291 1.63 -38.19 -10.42
CA GLU A 291 2.39 -39.44 -10.46
C GLU A 291 3.31 -39.50 -9.26
N LEU A 292 2.97 -40.38 -8.34
CA LEU A 292 3.62 -40.41 -7.04
C LEU A 292 4.71 -41.48 -6.99
N VAL A 293 5.95 -41.06 -6.71
CA VAL A 293 7.08 -41.98 -6.68
C VAL A 293 7.60 -42.12 -5.26
N LYS A 294 7.96 -43.35 -4.87
CA LYS A 294 8.76 -43.56 -3.67
C LYS A 294 10.19 -43.76 -4.13
N ALA A 295 11.10 -42.90 -3.66
CA ALA A 295 12.49 -43.00 -4.07
C ALA A 295 12.97 -44.41 -3.89
N ASP A 296 13.55 -45.02 -4.92
CA ASP A 296 14.04 -46.39 -4.77
C ASP A 296 15.42 -46.36 -4.12
N ASP A 297 15.95 -47.52 -3.73
CA ASP A 297 17.17 -47.55 -2.95
C ASP A 297 18.34 -46.90 -3.68
N ALA A 298 18.37 -47.02 -5.01
CA ALA A 298 19.48 -46.44 -5.79
C ALA A 298 19.44 -44.92 -5.75
N LEU A 299 18.25 -44.35 -5.88
CA LEU A 299 18.13 -42.89 -5.84
C LEU A 299 18.50 -42.32 -4.49
N ILE A 300 18.01 -42.94 -3.43
CA ILE A 300 18.36 -42.57 -2.07
C ILE A 300 19.88 -42.60 -1.90
N GLU A 301 20.52 -43.69 -2.33
CA GLU A 301 21.97 -43.79 -2.12
C GLU A 301 22.73 -42.75 -2.92
N ALA A 302 22.26 -42.45 -4.13
CA ALA A 302 22.88 -41.42 -4.94
C ALA A 302 22.75 -40.06 -4.26
N VAL A 303 21.61 -39.80 -3.64
CA VAL A 303 21.45 -38.54 -2.88
C VAL A 303 22.31 -38.52 -1.62
N ARG A 304 22.42 -39.65 -0.94
CA ARG A 304 23.30 -39.75 0.20
C ARG A 304 24.73 -39.42 -0.25
N GLU A 305 25.12 -39.95 -1.41
CA GLU A 305 26.48 -39.81 -1.84
C GLU A 305 26.76 -38.34 -2.16
N ARG A 306 25.77 -37.63 -2.73
CA ARG A 306 25.98 -36.24 -3.13
C ARG A 306 26.02 -35.32 -1.93
N THR A 307 25.31 -35.73 -0.87
CA THR A 307 25.13 -34.90 0.31
C THR A 307 25.97 -35.38 1.50
N LYS A 308 26.89 -36.30 1.26
CA LYS A 308 27.63 -36.92 2.36
C LYS A 308 28.54 -35.97 3.15
N GLY A 309 28.89 -34.83 2.54
CA GLY A 309 29.78 -33.88 3.19
C GLY A 309 29.06 -32.86 4.07
N PHE A 310 27.73 -32.85 4.03
CA PHE A 310 26.95 -31.82 4.74
C PHE A 310 27.15 -31.89 6.24
N GLU A 311 27.27 -33.12 6.77
CA GLU A 311 27.40 -33.29 8.20
C GLU A 311 28.70 -32.66 8.70
N GLN A 312 29.80 -32.93 7.98
CA GLN A 312 31.10 -32.36 8.35
C GLN A 312 31.10 -30.83 8.20
N ALA A 313 30.45 -30.30 7.17
CA ALA A 313 30.27 -28.87 7.05
C ALA A 313 29.63 -28.32 8.33
N TRP A 314 28.59 -28.98 8.83
CA TRP A 314 27.94 -28.51 10.03
C TRP A 314 28.86 -28.65 11.26
N LEU A 315 29.52 -29.81 11.39
CA LEU A 315 30.51 -29.95 12.47
C LEU A 315 31.53 -28.81 12.45
N ASP A 316 32.02 -28.46 11.27
CA ASP A 316 33.05 -27.41 11.17
C ASP A 316 32.50 -26.08 11.66
N ALA A 317 31.24 -25.80 11.34
CA ALA A 317 30.56 -24.55 11.75
C ALA A 317 30.32 -24.56 13.25
N ALA A 318 29.98 -25.73 13.77
CA ALA A 318 29.74 -25.87 15.22
C ALA A 318 31.02 -25.59 15.98
N LYS A 319 32.12 -26.11 15.46
CA LYS A 319 33.41 -25.90 16.11
C LYS A 319 33.76 -24.41 16.06
N ALA A 320 33.52 -23.79 14.90
CA ALA A 320 33.79 -22.35 14.76
C ALA A 320 32.96 -21.54 15.78
N LYS A 321 31.74 -21.97 16.06
CA LYS A 321 30.89 -21.23 16.95
C LYS A 321 31.11 -21.59 18.41
N GLY A 322 32.05 -22.49 18.68
CA GLY A 322 32.40 -22.77 20.06
C GLY A 322 31.44 -23.72 20.75
N ILE A 323 30.68 -24.48 19.99
CA ILE A 323 29.77 -25.44 20.62
C ILE A 323 30.26 -26.87 20.45
N ASP A 324 29.67 -27.78 21.25
CA ASP A 324 29.97 -29.21 21.17
C ASP A 324 29.17 -29.91 20.05
N GLY A 325 29.76 -29.90 18.86
CA GLY A 325 29.10 -30.36 17.66
C GLY A 325 28.71 -31.82 17.78
N PRO A 326 29.68 -32.70 18.08
CA PRO A 326 29.40 -34.13 18.18
C PRO A 326 28.36 -34.44 19.22
N ALA A 327 28.33 -33.72 20.34
CA ALA A 327 27.31 -33.92 21.38
C ALA A 327 25.93 -33.52 20.93
N ALA A 328 25.83 -32.33 20.34
CA ALA A 328 24.56 -31.85 19.84
C ALA A 328 23.99 -32.80 18.77
N LEU A 329 24.84 -33.23 17.86
CA LEU A 329 24.42 -34.08 16.77
C LEU A 329 23.94 -35.44 17.29
N ALA A 330 24.73 -36.02 18.19
CA ALA A 330 24.41 -37.30 18.79
C ALA A 330 23.12 -37.21 19.61
N SER A 331 22.95 -36.10 20.30
CA SER A 331 21.77 -35.90 21.12
C SER A 331 20.52 -35.81 20.26
N PHE A 332 20.59 -34.99 19.22
CA PHE A 332 19.48 -34.86 18.30
C PHE A 332 19.10 -36.22 17.70
N ARG A 333 20.08 -36.99 17.26
CA ARG A 333 19.79 -38.26 16.57
C ARG A 333 19.17 -39.25 17.50
N ALA A 334 19.66 -39.26 18.74
CA ALA A 334 19.13 -40.22 19.71
C ALA A 334 17.70 -39.85 20.03
N GLU A 335 17.46 -38.56 20.17
CA GLU A 335 16.14 -38.11 20.58
C GLU A 335 15.08 -38.28 19.48
N ILE A 336 15.44 -37.99 18.23
CA ILE A 336 14.47 -38.11 17.14
C ILE A 336 14.18 -39.59 16.81
N LYS A 337 15.19 -40.44 16.93
CA LYS A 337 15.03 -41.88 16.72
C LYS A 337 14.05 -42.43 17.76
N GLN A 338 14.21 -42.03 19.01
CA GLN A 338 13.28 -42.42 20.08
C GLN A 338 11.86 -41.86 19.88
N LEU A 339 11.75 -40.56 19.65
CA LEU A 339 10.44 -39.98 19.35
C LEU A 339 9.74 -40.71 18.17
N ASP A 340 10.48 -40.91 17.10
CA ASP A 340 9.94 -41.56 15.91
C ASP A 340 9.48 -42.99 16.21
N GLN A 341 10.00 -43.56 17.30
CA GLN A 341 9.51 -44.84 17.82
C GLN A 341 8.36 -44.63 18.81
N PRO B 26 9.99 29.78 -22.04
CA PRO B 26 10.40 29.93 -20.63
C PRO B 26 11.09 28.69 -20.08
N VAL B 27 11.82 28.88 -19.00
CA VAL B 27 12.35 27.77 -18.24
C VAL B 27 11.25 27.33 -17.30
N GLU B 28 10.71 26.14 -17.54
CA GLU B 28 9.63 25.66 -16.72
C GLU B 28 10.13 24.50 -15.87
N LEU B 29 10.56 24.85 -14.66
CA LEU B 29 11.20 23.93 -13.73
C LEU B 29 10.25 22.83 -13.23
N THR B 30 10.60 21.57 -13.41
CA THR B 30 9.74 20.52 -12.93
C THR B 30 9.87 20.36 -11.40
N LEU B 31 8.74 20.15 -10.74
CA LEU B 31 8.67 20.04 -9.29
C LEU B 31 7.96 18.72 -8.99
N SER B 32 8.59 17.84 -8.22
CA SER B 32 7.90 16.62 -7.81
C SER B 32 7.54 16.71 -6.34
N SER B 33 6.32 16.31 -6.00
CA SER B 33 5.86 16.32 -4.61
C SER B 33 5.43 14.93 -4.15
N TRP B 34 5.87 14.53 -2.97
CA TRP B 34 5.49 13.25 -2.38
C TRP B 34 4.33 13.46 -1.44
N LEU B 35 3.76 14.67 -1.45
CA LEU B 35 2.53 14.95 -0.69
C LEU B 35 1.42 15.29 -1.64
N PRO B 36 0.17 15.08 -1.20
CA PRO B 36 -0.99 15.43 -2.02
C PRO B 36 -0.98 16.93 -2.33
N PRO B 37 -1.47 17.33 -3.50
CA PRO B 37 -1.45 18.73 -3.94
C PRO B 37 -2.34 19.65 -3.10
N THR B 38 -3.31 19.08 -2.37
CA THR B 38 -4.06 19.80 -1.38
C THR B 38 -3.32 20.06 -0.04
N HIS B 39 -2.20 19.39 0.19
CA HIS B 39 -1.50 19.60 1.45
C HIS B 39 -0.93 21.01 1.50
N ALA B 40 -0.81 21.55 2.70
CA ALA B 40 -0.28 22.90 2.90
C ALA B 40 1.03 23.20 2.14
N VAL B 41 1.96 22.27 2.16
CA VAL B 41 3.26 22.45 1.51
C VAL B 41 3.11 22.76 0.03
N VAL B 42 2.11 22.13 -0.60
CA VAL B 42 1.87 22.32 -2.05
C VAL B 42 0.87 23.45 -2.30
N ALA B 43 -0.33 23.32 -1.73
CA ALA B 43 -1.39 24.28 -1.95
C ALA B 43 -1.08 25.68 -1.48
N ASP B 44 -0.55 25.83 -0.28
CA ASP B 44 -0.33 27.18 0.26
C ASP B 44 1.09 27.65 0.34
N PHE B 45 2.04 26.80 -0.07
CA PHE B 45 3.43 27.26 -0.13
C PHE B 45 3.95 27.15 -1.57
N LEU B 46 4.12 25.93 -2.08
CA LEU B 46 4.79 25.80 -3.39
C LEU B 46 4.03 26.52 -4.50
N MSE B 47 2.71 26.39 -4.53
CA MSE B 47 1.98 26.95 -5.64
C MSE B 47 2.04 28.48 -5.58
O MSE B 47 2.36 29.10 -6.57
CB MSE B 47 0.52 26.46 -5.68
CG MSE B 47 0.34 25.00 -6.07
SE MSE B 47 1.22 24.52 -7.76
CE MSE B 47 3.04 24.10 -7.15
H MSE B 47 2.24 26.00 -3.92
HA MSE B 47 2.41 26.66 -6.47
HB2 MSE B 47 0.13 26.58 -4.81
HB3 MSE B 47 0.03 26.99 -6.33
HG2 MSE B 47 0.71 24.45 -5.38
HG3 MSE B 47 -0.60 24.82 -6.18
HE1 MSE B 47 3.58 23.84 -7.91
HE2 MSE B 47 3.42 24.87 -6.73
HE3 MSE B 47 3.00 23.37 -6.52
N PRO B 48 1.78 29.08 -4.40
CA PRO B 48 1.87 30.55 -4.33
C PRO B 48 3.31 31.05 -4.60
N TRP B 49 4.29 30.30 -4.12
CA TRP B 49 5.71 30.65 -4.33
C TRP B 49 6.07 30.62 -5.83
N GLY B 50 5.60 29.58 -6.53
CA GLY B 50 5.75 29.50 -7.97
C GLY B 50 5.14 30.69 -8.69
N GLU B 51 3.99 31.16 -8.23
CA GLU B 51 3.38 32.36 -8.77
C GLU B 51 4.24 33.62 -8.53
N GLU B 52 4.83 33.75 -7.34
CA GLU B 52 5.72 34.87 -7.06
C GLU B 52 6.89 34.83 -8.06
N ILE B 53 7.42 33.62 -8.30
CA ILE B 53 8.52 33.43 -9.23
C ILE B 53 8.11 33.81 -10.66
N ARG B 54 6.96 33.35 -11.11
CA ARG B 54 6.50 33.68 -12.46
C ARG B 54 6.35 35.19 -12.60
N LYS B 55 5.75 35.82 -11.59
CA LYS B 55 5.49 37.25 -11.66
C LYS B 55 6.80 38.07 -11.67
N ALA B 56 7.72 37.69 -10.81
CA ALA B 56 8.98 38.41 -10.67
C ALA B 56 9.91 38.25 -11.87
N THR B 57 9.71 37.21 -12.66
CA THR B 57 10.55 37.01 -13.86
C THR B 57 9.79 37.28 -15.17
N ASP B 58 8.66 37.96 -15.05
CA ASP B 58 7.81 38.30 -16.19
C ASP B 58 7.46 37.05 -17.01
N GLY B 59 7.23 35.93 -16.33
CA GLY B 59 6.79 34.71 -16.96
C GLY B 59 7.91 33.85 -17.50
N ARG B 60 9.18 34.29 -17.40
CA ARG B 60 10.20 33.47 -18.04
C ARG B 60 10.71 32.32 -17.17
N VAL B 61 10.32 32.31 -15.90
CA VAL B 61 10.59 31.15 -15.04
C VAL B 61 9.31 30.77 -14.34
N THR B 62 8.94 29.50 -14.48
CA THR B 62 7.76 28.98 -13.80
C THR B 62 8.07 27.62 -13.18
N LEU B 63 7.19 27.18 -12.29
CA LEU B 63 7.34 25.93 -11.59
C LEU B 63 6.22 25.02 -12.00
N ARG B 64 6.53 23.90 -12.62
CA ARG B 64 5.43 23.02 -12.99
C ARG B 64 5.41 21.78 -12.10
N LEU B 65 4.27 21.62 -11.44
CA LEU B 65 4.07 20.54 -10.50
C LEU B 65 3.66 19.29 -11.28
N LEU B 66 4.52 18.31 -11.27
CA LEU B 66 4.25 17.08 -11.98
C LEU B 66 3.05 16.35 -11.37
N PRO B 67 2.33 15.59 -12.21
CA PRO B 67 1.05 15.03 -11.76
C PRO B 67 1.23 13.81 -10.86
N LYS B 68 2.42 13.22 -10.86
CA LYS B 68 2.73 12.10 -9.97
C LYS B 68 4.05 12.34 -9.24
N ALA B 69 4.21 11.76 -8.05
CA ALA B 69 5.52 11.79 -7.42
C ALA B 69 6.45 10.96 -8.28
N VAL B 70 7.66 11.48 -8.56
CA VAL B 70 8.57 10.78 -9.47
C VAL B 70 9.28 9.58 -8.82
N THR B 71 9.27 9.53 -7.50
CA THR B 71 9.84 8.37 -6.79
C THR B 71 9.28 8.40 -5.35
N ASN B 72 9.83 7.56 -4.46
CA ASN B 72 9.36 7.52 -3.08
C ASN B 72 9.85 8.77 -2.31
N PRO B 73 9.28 9.05 -1.13
CA PRO B 73 9.65 10.33 -0.50
C PRO B 73 11.17 10.55 -0.25
N ALA B 74 11.87 9.57 0.30
CA ALA B 74 13.29 9.72 0.54
C ALA B 74 14.09 9.85 -0.76
N GLY B 75 13.64 9.15 -1.81
CA GLY B 75 14.31 9.19 -3.10
C GLY B 75 14.32 10.55 -3.76
N HIS B 76 13.56 11.50 -3.22
CA HIS B 76 13.47 12.81 -3.85
C HIS B 76 14.80 13.61 -3.85
N PHE B 77 15.67 13.43 -2.85
CA PHE B 77 16.95 14.14 -2.90
C PHE B 77 17.77 13.71 -4.14
N ASP B 78 17.97 12.41 -4.31
CA ASP B 78 18.72 11.96 -5.47
C ASP B 78 18.01 12.26 -6.79
N ALA B 79 16.69 12.41 -6.73
CA ALA B 79 15.95 12.69 -7.97
C ALA B 79 16.39 14.05 -8.51
N VAL B 80 16.54 15.01 -7.61
CA VAL B 80 17.02 16.33 -8.01
C VAL B 80 18.54 16.30 -8.33
N ARG B 81 19.32 15.65 -7.48
CA ARG B 81 20.76 15.57 -7.73
C ARG B 81 21.04 14.93 -9.08
N ASP B 82 20.31 13.86 -9.41
CA ASP B 82 20.56 13.16 -10.66
C ASP B 82 19.83 13.74 -11.87
N GLY B 83 19.08 14.80 -11.68
CA GLY B 83 18.45 15.49 -12.79
C GLY B 83 17.15 14.89 -13.33
N LEU B 84 16.49 14.02 -12.55
CA LEU B 84 15.20 13.49 -12.94
C LEU B 84 14.08 14.55 -12.85
N VAL B 85 14.19 15.41 -11.83
CA VAL B 85 13.32 16.58 -11.68
C VAL B 85 14.18 17.75 -11.21
N ASP B 86 13.65 18.96 -11.36
CA ASP B 86 14.46 20.17 -11.17
C ASP B 86 14.40 20.67 -9.75
N VAL B 87 13.24 20.52 -9.11
CA VAL B 87 12.98 21.07 -7.78
C VAL B 87 12.19 20.12 -6.90
N THR B 88 12.49 20.11 -5.60
CA THR B 88 11.65 19.37 -4.69
C THR B 88 11.86 19.86 -3.28
N PHE B 89 11.11 19.26 -2.36
CA PHE B 89 11.33 19.41 -0.93
C PHE B 89 11.67 18.05 -0.34
N VAL B 90 12.60 18.02 0.62
CA VAL B 90 13.03 16.76 1.21
C VAL B 90 12.95 16.95 2.71
N SER B 91 12.51 15.92 3.40
CA SER B 91 12.53 15.99 4.84
C SER B 91 13.87 15.52 5.41
N HIS B 92 14.41 16.32 6.32
CA HIS B 92 15.72 16.04 6.92
C HIS B 92 15.68 14.85 7.89
N ALA B 93 14.47 14.38 8.18
CA ALA B 93 14.25 13.20 9.03
C ALA B 93 14.34 11.92 8.24
N TYR B 94 14.27 12.01 6.91
CA TYR B 94 14.15 10.77 6.12
C TYR B 94 15.50 10.20 5.66
N TYR B 95 16.60 10.68 6.23
CA TYR B 95 17.93 10.28 5.77
C TYR B 95 18.85 9.89 6.95
N PRO B 96 18.80 8.61 7.36
CA PRO B 96 19.65 8.14 8.47
C PRO B 96 21.13 8.44 8.15
N GLY B 97 21.89 8.98 9.08
CA GLY B 97 23.28 9.26 8.78
C GLY B 97 23.53 10.53 7.97
N ARG B 98 22.49 11.35 7.78
CA ARG B 98 22.69 12.62 7.10
C ARG B 98 21.87 13.73 7.81
N PHE B 99 22.29 14.96 7.60
CA PHE B 99 21.60 16.17 8.04
C PHE B 99 21.55 16.33 9.58
N GLN B 100 22.53 15.79 10.28
CA GLN B 100 22.58 15.88 11.75
C GLN B 100 22.64 17.32 12.25
N LEU B 101 23.15 18.21 11.43
CA LEU B 101 23.28 19.62 11.80
C LEU B 101 21.98 20.41 11.69
N THR B 102 20.95 19.84 11.07
CA THR B 102 19.66 20.52 11.05
C THR B 102 18.96 20.34 12.39
N LYS B 103 19.49 19.50 13.27
CA LYS B 103 18.70 19.13 14.46
C LYS B 103 18.60 20.23 15.54
N PHE B 104 19.40 21.30 15.44
CA PHE B 104 19.32 22.42 16.39
C PHE B 104 17.96 23.09 16.30
N ALA B 105 17.30 22.94 15.16
CA ALA B 105 16.09 23.69 14.88
C ALA B 105 14.80 22.93 15.28
N VAL B 106 14.91 21.68 15.69
CA VAL B 106 13.73 20.82 15.82
C VAL B 106 13.56 20.22 17.21
N LEU B 107 14.25 20.79 18.18
CA LEU B 107 14.17 20.37 19.57
C LEU B 107 12.76 20.60 20.17
N PRO B 108 12.41 19.82 21.19
CA PRO B 108 11.25 20.13 22.00
C PRO B 108 11.28 21.57 22.58
N PHE B 109 10.10 22.17 22.64
CA PHE B 109 9.87 23.36 23.43
C PHE B 109 10.66 24.56 22.93
N SER B 110 10.87 24.73 21.64
CA SER B 110 11.81 25.79 21.27
C SER B 110 11.18 26.96 20.51
N GLY B 111 10.01 26.75 19.91
CA GLY B 111 9.36 27.78 19.12
C GLY B 111 7.88 27.54 19.03
N ASP B 112 7.07 28.60 19.05
CA ASP B 112 5.61 28.47 19.16
C ASP B 112 4.91 28.21 17.84
N THR B 113 5.53 28.58 16.72
CA THR B 113 4.87 28.43 15.43
C THR B 113 5.80 27.80 14.40
N ALA B 114 5.24 27.36 13.29
CA ALA B 114 6.06 26.95 12.16
C ALA B 114 6.85 28.14 11.61
N THR B 115 6.23 29.32 11.61
CA THR B 115 6.90 30.49 11.11
C THR B 115 8.16 30.85 11.89
N SER B 116 8.08 30.91 13.22
CA SER B 116 9.26 31.29 13.97
C SER B 116 10.34 30.20 13.86
N ARG B 117 9.99 28.93 13.93
CA ARG B 117 11.03 27.90 13.77
C ARG B 117 11.68 27.97 12.39
N SER B 118 10.85 28.17 11.38
CA SER B 118 11.30 28.17 9.99
C SER B 118 12.30 29.31 9.77
N ILE B 119 11.88 30.49 10.17
CA ILE B 119 12.71 31.66 9.91
C ILE B 119 14.03 31.53 10.68
N ALA B 120 13.92 31.18 11.95
CA ALA B 120 15.12 31.06 12.78
C ALA B 120 16.00 29.92 12.28
N ALA B 121 15.39 28.85 11.79
CA ALA B 121 16.17 27.71 11.26
C ALA B 121 16.98 28.16 10.05
N TRP B 122 16.33 28.76 9.07
CA TRP B 122 17.06 29.21 7.89
C TRP B 122 18.12 30.23 8.25
N ASP B 123 17.76 31.21 9.08
CA ASP B 123 18.70 32.28 9.41
C ASP B 123 20.01 31.71 9.95
N THR B 124 19.89 30.76 10.88
CA THR B 124 21.02 30.15 11.53
C THR B 124 21.76 29.26 10.55
N TYR B 125 21.03 28.49 9.74
CA TYR B 125 21.68 27.58 8.79
C TYR B 125 22.51 28.37 7.78
N GLU B 126 21.93 29.44 7.28
CA GLU B 126 22.58 30.31 6.32
C GLU B 126 23.83 30.99 6.88
N LYS B 127 23.73 31.49 8.12
CA LYS B 127 24.83 32.25 8.70
C LYS B 127 25.97 31.34 9.13
N TYR B 128 25.67 30.15 9.66
CA TYR B 128 26.71 29.34 10.30
C TYR B 128 27.01 27.98 9.68
N LEU B 129 26.09 27.40 8.92
CA LEU B 129 26.16 25.97 8.66
C LEU B 129 26.37 25.55 7.21
N LEU B 130 26.38 26.50 6.28
CA LEU B 130 26.43 26.15 4.85
C LEU B 130 27.74 25.43 4.57
N LYS B 131 28.82 25.82 5.23
CA LYS B 131 30.12 25.28 4.88
C LYS B 131 30.25 23.80 5.19
N ALA B 132 29.39 23.27 6.06
CA ALA B 132 29.37 21.84 6.32
C ALA B 132 28.93 21.02 5.09
N ASP B 133 28.28 21.69 4.13
CA ASP B 133 27.96 21.06 2.83
C ASP B 133 27.03 19.84 2.93
N GLU B 134 26.08 19.89 3.86
CA GLU B 134 25.22 18.75 4.12
C GLU B 134 24.35 18.47 2.89
N HIS B 135 24.04 19.51 2.11
CA HIS B 135 23.25 19.32 0.91
C HIS B 135 24.09 19.15 -0.35
N LYS B 136 25.22 18.47 -0.21
CA LYS B 136 26.16 18.26 -1.33
C LYS B 136 25.44 17.68 -2.54
N GLY B 137 25.67 18.28 -3.70
CA GLY B 137 25.17 17.75 -4.94
C GLY B 137 24.00 18.54 -5.55
N VAL B 138 23.36 19.37 -4.74
CA VAL B 138 22.22 20.20 -5.23
C VAL B 138 22.39 21.62 -4.68
N ARG B 139 21.64 22.57 -5.22
CA ARG B 139 21.61 23.92 -4.64
C ARG B 139 20.53 23.98 -3.59
N LEU B 140 20.92 24.40 -2.39
CA LEU B 140 19.95 24.61 -1.33
C LEU B 140 19.35 26.02 -1.44
N LEU B 141 18.03 26.09 -1.64
CA LEU B 141 17.35 27.39 -1.73
C LEU B 141 16.83 27.90 -0.38
N GLY B 142 16.32 26.99 0.44
CA GLY B 142 15.84 27.36 1.77
C GLY B 142 15.45 26.14 2.60
N ILE B 143 15.13 26.37 3.85
CA ILE B 143 14.68 25.36 4.76
C ILE B 143 13.43 25.94 5.46
N TYR B 144 12.48 25.08 5.83
CA TYR B 144 11.42 25.51 6.72
C TYR B 144 11.17 24.39 7.76
N ALA B 145 10.29 24.65 8.70
CA ALA B 145 9.94 23.68 9.75
C ALA B 145 8.41 23.66 9.87
N HIS B 146 7.86 22.53 10.32
CA HIS B 146 6.44 22.53 10.61
C HIS B 146 6.15 23.04 12.01
N GLY B 147 4.87 23.09 12.34
CA GLY B 147 4.43 23.64 13.60
C GLY B 147 4.69 22.67 14.73
N PRO B 148 4.24 23.04 15.91
CA PRO B 148 4.49 22.26 17.13
C PRO B 148 4.06 20.81 16.96
N GLY B 149 5.00 19.89 17.20
CA GLY B 149 4.68 18.47 17.11
C GLY B 149 3.80 18.03 18.28
N ILE B 150 2.91 17.07 17.99
CA ILE B 150 1.90 16.60 18.93
C ILE B 150 1.97 15.09 19.04
N ALA B 151 1.71 14.58 20.25
CA ALA B 151 1.66 13.12 20.42
C ALA B 151 0.22 12.66 20.24
N PHE B 152 -0.10 12.05 19.12
CA PHE B 152 -1.42 11.54 18.83
C PHE B 152 -1.42 10.02 19.08
N THR B 153 -2.51 9.51 19.63
CA THR B 153 -2.65 8.08 19.83
C THR B 153 -4.08 7.63 19.59
N THR B 154 -4.21 6.39 19.15
CA THR B 154 -5.51 5.85 18.80
C THR B 154 -6.39 5.68 20.03
N SER B 155 -5.87 5.02 21.05
CA SER B 155 -6.68 4.66 22.20
C SER B 155 -5.98 4.82 23.56
N LYS B 156 -4.72 5.23 23.54
CA LYS B 156 -3.97 5.34 24.79
C LYS B 156 -3.61 6.78 25.17
N PRO B 157 -4.24 7.33 26.21
CA PRO B 157 -3.91 8.68 26.64
C PRO B 157 -2.47 8.83 27.12
N VAL B 158 -1.87 10.00 26.88
CA VAL B 158 -0.50 10.27 27.34
C VAL B 158 -0.56 11.46 28.29
N LYS B 159 -0.54 11.17 29.58
CA LYS B 159 -0.64 12.19 30.62
C LYS B 159 0.58 12.21 31.53
N GLN B 160 1.34 11.11 31.53
CA GLN B 160 2.59 11.11 32.28
C GLN B 160 3.64 10.34 31.52
N ILE B 161 4.91 10.58 31.87
CA ILE B 161 6.01 10.13 31.03
C ILE B 161 5.92 8.62 30.80
N GLY B 162 5.47 7.90 31.83
CA GLY B 162 5.35 6.45 31.76
C GLY B 162 4.39 5.92 30.69
N ASP B 163 3.45 6.77 30.30
CA ASP B 163 2.44 6.42 29.31
C ASP B 163 3.04 6.17 27.93
N PHE B 164 4.20 6.75 27.64
CA PHE B 164 4.83 6.54 26.34
C PHE B 164 5.37 5.09 26.21
N GLN B 165 5.62 4.45 27.34
CA GLN B 165 6.34 3.17 27.33
C GLN B 165 5.59 2.12 26.53
N GLY B 166 6.24 1.59 25.50
CA GLY B 166 5.64 0.53 24.72
C GLY B 166 4.83 1.00 23.52
N LEU B 167 4.50 2.29 23.45
CA LEU B 167 3.72 2.77 22.34
C LEU B 167 4.54 2.67 21.07
N LYS B 168 3.99 2.01 20.06
CA LYS B 168 4.57 2.08 18.72
C LYS B 168 4.11 3.35 18.02
N ILE B 169 5.05 4.27 17.79
CA ILE B 169 4.71 5.58 17.27
C ILE B 169 5.34 5.82 15.91
N ARG B 170 4.50 6.11 14.92
CA ARG B 170 4.96 6.52 13.59
C ARG B 170 5.65 7.87 13.72
N VAL B 171 6.92 7.95 13.31
CA VAL B 171 7.68 9.19 13.28
C VAL B 171 8.33 9.31 11.90
N GLY B 172 8.73 10.52 11.52
CA GLY B 172 9.41 10.69 10.26
C GLY B 172 10.81 10.08 10.31
N GLY B 173 11.42 10.13 11.50
CA GLY B 173 12.84 9.83 11.65
C GLY B 173 13.50 11.00 12.38
N GLY B 174 14.82 11.11 12.29
CA GLY B 174 15.50 12.30 12.76
C GLY B 174 15.13 12.62 14.19
N MSE B 175 14.78 13.87 14.44
CA MSE B 175 14.57 14.33 15.83
C MSE B 175 13.34 13.68 16.43
O MSE B 175 13.34 13.33 17.60
CB MSE B 175 14.41 15.86 15.87
CG MSE B 175 14.01 16.41 17.21
SE MSE B 175 15.33 16.08 18.65
CE MSE B 175 16.84 17.07 17.88
H MSE B 175 14.65 14.48 13.85
HA MSE B 175 15.36 14.10 16.37
HB2 MSE B 175 15.24 16.27 15.61
HB3 MSE B 175 13.71 16.10 15.23
HG2 MSE B 175 13.89 17.36 17.13
HG3 MSE B 175 13.17 16.00 17.49
HE1 MSE B 175 17.59 17.02 18.47
HE2 MSE B 175 17.06 16.69 17.03
HE3 MSE B 175 16.58 17.99 17.76
N ALA B 176 12.28 13.55 15.64
CA ALA B 176 11.07 12.90 16.13
C ALA B 176 11.37 11.49 16.63
N ALA B 177 12.16 10.73 15.88
CA ALA B 177 12.66 9.46 16.36
C ALA B 177 13.52 9.57 17.62
N ASP B 178 14.43 10.54 17.66
CA ASP B 178 15.23 10.73 18.88
C ASP B 178 14.32 10.94 20.10
N VAL B 179 13.33 11.82 19.98
CA VAL B 179 12.43 12.12 21.07
C VAL B 179 11.60 10.91 21.49
N ALA B 180 11.07 10.19 20.52
CA ALA B 180 10.21 9.02 20.79
C ALA B 180 10.98 7.99 21.58
N LYS B 181 12.20 7.75 21.14
CA LYS B 181 13.07 6.79 21.78
C LYS B 181 13.40 7.25 23.20
N ALA B 182 13.74 8.52 23.34
CA ALA B 182 14.12 9.07 24.66
C ALA B 182 12.98 9.04 25.69
N VAL B 183 11.74 9.25 25.25
CA VAL B 183 10.61 9.15 26.17
C VAL B 183 10.15 7.69 26.37
N GLY B 184 10.83 6.76 25.71
CA GLY B 184 10.57 5.35 25.90
C GLY B 184 9.58 4.68 24.94
N ALA B 185 9.10 5.41 23.94
CA ALA B 185 8.24 4.78 22.94
C ALA B 185 9.08 3.96 21.97
N SER B 186 8.41 3.21 21.10
CA SER B 186 9.09 2.48 20.04
C SER B 186 8.82 3.20 18.73
N PRO B 187 9.83 3.87 18.19
CA PRO B 187 9.56 4.62 16.97
C PRO B 187 9.51 3.73 15.74
N ILE B 188 8.61 4.06 14.83
CA ILE B 188 8.51 3.45 13.52
C ILE B 188 8.74 4.56 12.52
N ALA B 189 9.98 4.64 12.01
CA ALA B 189 10.38 5.73 11.13
C ALA B 189 10.00 5.40 9.72
N LYS B 190 8.92 6.02 9.28
CA LYS B 190 8.43 5.88 7.91
C LYS B 190 7.94 7.23 7.42
N PRO B 191 7.94 7.44 6.11
CA PRO B 191 7.46 8.75 5.63
C PRO B 191 5.97 8.99 5.96
N ALA B 192 5.62 10.27 6.06
CA ALA B 192 4.28 10.69 6.52
C ALA B 192 3.11 9.96 5.82
N PRO B 193 3.17 9.80 4.50
CA PRO B 193 2.01 9.19 3.84
C PRO B 193 1.72 7.76 4.28
N GLU B 194 2.64 7.10 4.95
CA GLU B 194 2.32 5.77 5.46
C GLU B 194 1.50 5.77 6.74
N SER B 195 1.31 6.94 7.33
CA SER B 195 0.63 7.02 8.62
C SER B 195 -0.75 6.39 8.68
N TYR B 196 -1.56 6.65 7.69
CA TYR B 196 -2.94 6.16 7.73
C TYR B 196 -2.98 4.62 7.78
N GLU B 197 -2.20 3.98 6.93
CA GLU B 197 -2.12 2.52 6.86
C GLU B 197 -1.64 1.92 8.17
N LEU B 198 -0.55 2.48 8.70
CA LEU B 198 0.03 1.99 9.95
C LEU B 198 -0.94 2.10 11.14
N LEU B 199 -1.69 3.20 11.20
CA LEU B 199 -2.68 3.40 12.26
C LEU B 199 -3.99 2.61 12.07
N SER B 200 -4.53 2.60 10.86
CA SER B 200 -5.80 1.91 10.59
C SER B 200 -5.68 0.40 10.77
N THR B 201 -4.51 -0.16 10.47
CA THR B 201 -4.30 -1.60 10.59
C THR B 201 -3.84 -2.02 11.99
N GLY B 202 -3.52 -1.03 12.82
CA GLY B 202 -3.12 -1.26 14.20
C GLY B 202 -1.65 -1.64 14.39
N VAL B 203 -0.84 -1.44 13.35
CA VAL B 203 0.60 -1.66 13.46
C VAL B 203 1.16 -0.66 14.44
N ALA B 204 0.83 0.61 14.25
CA ALA B 204 1.19 1.65 15.20
C ALA B 204 0.04 1.98 16.16
N ASP B 205 0.41 2.48 17.35
CA ASP B 205 -0.50 2.90 18.39
C ASP B 205 -0.73 4.41 18.33
N GLY B 206 0.09 5.10 17.55
CA GLY B 206 -0.02 6.54 17.43
C GLY B 206 0.97 7.11 16.47
N VAL B 207 1.10 8.44 16.48
CA VAL B 207 1.94 9.13 15.54
C VAL B 207 2.34 10.47 16.12
N PHE B 208 3.59 10.88 15.85
CA PHE B 208 4.01 12.27 16.04
C PHE B 208 3.79 13.05 14.74
N PHE B 209 2.93 14.03 14.81
CA PHE B 209 2.61 14.87 13.69
C PHE B 209 2.27 16.24 14.28
N PRO B 210 2.38 17.29 13.46
CA PRO B 210 1.72 18.56 13.83
C PRO B 210 0.22 18.51 13.65
N ALA B 211 -0.45 19.54 14.15
CA ALA B 211 -1.90 19.53 14.19
C ALA B 211 -2.51 19.28 12.81
N GLU B 212 -1.96 19.92 11.79
CA GLU B 212 -2.64 19.93 10.51
C GLU B 212 -2.77 18.54 9.95
N SER B 213 -1.77 17.72 10.25
CA SER B 213 -1.63 16.39 9.66
C SER B 213 -2.76 15.44 10.12
N LEU B 214 -3.30 15.69 11.30
CA LEU B 214 -4.45 14.91 11.77
C LEU B 214 -5.60 14.97 10.79
N VAL B 215 -5.84 16.15 10.23
CA VAL B 215 -6.89 16.31 9.23
C VAL B 215 -6.41 15.88 7.83
N SER B 216 -5.22 16.31 7.42
CA SER B 216 -4.79 16.12 6.03
C SER B 216 -4.46 14.67 5.67
N PHE B 217 -4.04 13.87 6.66
CA PHE B 217 -3.82 12.46 6.39
C PHE B 217 -5.02 11.63 6.81
N LYS B 218 -6.11 12.30 7.10
CA LYS B 218 -7.39 11.62 7.34
C LYS B 218 -7.37 10.70 8.57
N LEU B 219 -6.80 11.20 9.65
CA LEU B 219 -6.58 10.41 10.85
C LEU B 219 -7.61 10.69 11.96
N ASP B 220 -8.52 11.64 11.73
CA ASP B 220 -9.33 12.17 12.81
C ASP B 220 -10.49 11.28 13.24
N SER B 221 -10.74 10.19 12.53
CA SER B 221 -11.70 9.19 13.01
C SER B 221 -11.03 8.02 13.75
N ILE B 222 -9.72 7.86 13.55
CA ILE B 222 -8.93 6.84 14.23
C ILE B 222 -8.33 7.36 15.55
N ILE B 223 -7.67 8.51 15.47
CA ILE B 223 -6.99 9.06 16.63
C ILE B 223 -8.04 9.56 17.62
N ARG B 224 -7.99 9.12 18.87
CA ARG B 224 -8.93 9.62 19.88
C ARG B 224 -8.23 10.42 21.00
N HIS B 225 -6.91 10.52 20.94
CA HIS B 225 -6.14 11.18 21.99
C HIS B 225 -5.04 12.06 21.44
N ALA B 226 -4.82 13.19 22.11
CA ALA B 226 -3.76 14.08 21.70
C ALA B 226 -3.19 14.82 22.91
N THR B 227 -1.87 14.82 23.02
CA THR B 227 -1.18 15.58 24.03
C THR B 227 -0.26 16.60 23.37
N GLU B 228 -0.47 17.86 23.73
CA GLU B 228 0.24 19.03 23.20
C GLU B 228 1.21 19.58 24.22
N PHE B 229 2.30 20.14 23.72
CA PHE B 229 3.36 20.73 24.54
C PHE B 229 3.66 22.17 24.11
N PRO B 230 3.90 23.06 25.08
CA PRO B 230 4.34 24.43 24.77
C PRO B 230 5.62 24.44 23.94
N GLY B 231 5.56 25.08 22.77
CA GLY B 231 6.71 25.13 21.88
C GLY B 231 6.96 23.81 21.16
N GLY B 232 5.98 22.91 21.20
CA GLY B 232 6.07 21.68 20.44
C GLY B 232 6.84 20.58 21.14
N LEU B 233 6.43 19.33 20.92
CA LEU B 233 7.20 18.17 21.44
C LEU B 233 8.50 17.99 20.64
N TYR B 234 8.47 18.47 19.40
CA TYR B 234 9.58 18.33 18.45
C TYR B 234 9.10 19.08 17.19
N SER B 235 9.98 19.20 16.22
CA SER B 235 9.55 19.56 14.87
C SER B 235 10.36 18.78 13.85
N ASP B 236 10.11 19.05 12.58
CA ASP B 236 10.90 18.50 11.50
C ASP B 236 11.19 19.65 10.55
N THR B 237 12.36 19.62 9.93
CA THR B 237 12.66 20.58 8.85
C THR B 237 12.69 19.94 7.47
N HIS B 238 12.31 20.69 6.45
CA HIS B 238 12.48 20.27 5.05
C HIS B 238 13.37 21.29 4.33
N ALA B 239 14.05 20.84 3.27
CA ALA B 239 14.87 21.73 2.49
C ALA B 239 14.22 21.82 1.12
N VAL B 240 14.19 23.01 0.55
CA VAL B 240 13.78 23.16 -0.84
C VAL B 240 15.05 23.22 -1.63
N ILE B 241 15.19 22.32 -2.61
CA ILE B 241 16.45 22.18 -3.33
C ILE B 241 16.20 22.24 -4.83
N ILE B 242 17.22 22.68 -5.57
CA ILE B 242 17.13 22.72 -7.02
C ILE B 242 18.41 22.13 -7.64
N ASN B 243 18.23 21.43 -8.74
CA ASN B 243 19.31 20.88 -9.52
C ASN B 243 20.21 21.99 -10.03
N ARG B 244 21.52 21.77 -9.95
CA ARG B 244 22.47 22.82 -10.27
C ARG B 244 22.43 23.19 -11.75
N ASP B 245 22.26 22.19 -12.60
CA ASP B 245 22.21 22.45 -14.04
C ASP B 245 20.90 23.17 -14.38
N ALA B 246 19.81 22.79 -13.73
CA ALA B 246 18.55 23.53 -13.89
C ALA B 246 18.67 25.00 -13.52
N PHE B 247 19.27 25.30 -12.37
CA PHE B 247 19.45 26.68 -11.92
C PHE B 247 20.29 27.47 -12.94
N ALA B 248 21.30 26.83 -13.50
CA ALA B 248 22.12 27.45 -14.53
C ALA B 248 21.40 27.74 -15.87
N ARG B 249 20.22 27.14 -16.08
N ARG B 249 20.22 27.17 -16.08
CA ARG B 249 19.40 27.45 -17.25
CA ARG B 249 19.42 27.50 -17.25
C ARG B 249 18.84 28.88 -17.15
C ARG B 249 18.86 28.91 -17.16
N LEU B 250 18.63 29.35 -15.93
CA LEU B 250 18.08 30.66 -15.68
C LEU B 250 19.09 31.75 -16.10
N SER B 251 18.60 32.87 -16.63
CA SER B 251 19.47 34.05 -16.82
C SER B 251 20.12 34.43 -15.47
N LYS B 252 21.23 35.14 -15.52
CA LYS B 252 21.89 35.58 -14.28
C LYS B 252 20.94 36.45 -13.45
N GLN B 253 20.18 37.33 -14.09
CA GLN B 253 19.19 38.16 -13.39
C GLN B 253 18.13 37.28 -12.72
N ASP B 254 17.57 36.34 -13.46
CA ASP B 254 16.55 35.46 -12.89
C ASP B 254 17.10 34.52 -11.81
N GLN B 255 18.37 34.16 -11.88
CA GLN B 255 18.99 33.43 -10.80
C GLN B 255 18.90 34.25 -9.53
N ASP B 256 19.35 35.49 -9.62
CA ASP B 256 19.30 36.40 -8.48
C ASP B 256 17.88 36.54 -7.91
N THR B 257 16.91 36.70 -8.79
CA THR B 257 15.52 36.83 -8.41
C THR B 257 15.02 35.58 -7.68
N LEU B 258 15.33 34.40 -8.20
CA LEU B 258 14.92 33.17 -7.53
C LEU B 258 15.53 33.05 -6.13
N VAL B 259 16.81 33.38 -5.99
CA VAL B 259 17.44 33.40 -4.68
C VAL B 259 16.82 34.47 -3.77
N ARG B 260 16.47 35.63 -4.32
CA ARG B 260 15.81 36.68 -3.56
C ARG B 260 14.47 36.21 -2.98
N LEU B 261 13.77 35.38 -3.73
CA LEU B 261 12.50 34.81 -3.31
C LEU B 261 12.58 33.54 -2.46
N SER B 262 13.80 33.08 -2.19
CA SER B 262 14.08 31.90 -1.39
C SER B 262 14.53 32.37 0.02
N GLY B 263 15.32 31.55 0.71
CA GLY B 263 15.88 31.97 1.97
C GLY B 263 14.82 32.38 3.00
N ARG B 264 14.99 33.57 3.60
CA ARG B 264 14.14 33.97 4.70
C ARG B 264 12.67 34.04 4.25
N HIS B 265 12.44 34.50 3.02
CA HIS B 265 11.09 34.63 2.52
C HIS B 265 10.47 33.26 2.30
N LEU B 266 11.26 32.31 1.79
CA LEU B 266 10.78 30.95 1.61
C LEU B 266 10.41 30.37 2.98
N ALA B 267 11.25 30.59 3.97
CA ALA B 267 11.00 30.11 5.31
C ALA B 267 9.65 30.64 5.85
N GLU B 268 9.43 31.93 5.65
CA GLU B 268 8.22 32.58 6.14
C GLU B 268 6.97 32.08 5.41
N LEU B 269 7.06 31.94 4.09
CA LEU B 269 5.91 31.58 3.28
C LEU B 269 5.49 30.16 3.62
N ALA B 270 6.48 29.26 3.75
CA ALA B 270 6.17 27.89 4.12
C ALA B 270 5.61 27.80 5.54
N GLY B 271 6.26 28.51 6.45
CA GLY B 271 5.80 28.56 7.81
C GLY B 271 4.34 29.03 7.93
N ARG B 272 4.03 30.08 7.19
CA ARG B 272 2.66 30.61 7.11
C ARG B 272 1.68 29.52 6.68
N ALA B 273 2.06 28.73 5.70
CA ALA B 273 1.18 27.68 5.20
C ALA B 273 0.94 26.65 6.31
N TRP B 274 2.00 26.18 6.94
CA TRP B 274 1.81 25.21 8.00
C TRP B 274 1.01 25.78 9.13
N ASP B 275 1.22 27.07 9.45
CA ASP B 275 0.54 27.66 10.60
C ASP B 275 -0.96 27.83 10.32
N THR B 276 -1.31 28.21 9.09
CA THR B 276 -2.70 28.34 8.68
C THR B 276 -3.45 27.03 8.76
N HIS B 277 -2.80 25.97 8.31
CA HIS B 277 -3.40 24.65 8.40
C HIS B 277 -3.50 24.10 9.80
N ASP B 278 -2.48 24.32 10.61
CA ASP B 278 -2.55 23.94 12.02
C ASP B 278 -3.75 24.65 12.65
N ALA B 279 -3.92 25.93 12.33
CA ALA B 279 -5.00 26.69 12.97
C ALA B 279 -6.38 26.18 12.55
N ALA B 280 -6.51 25.85 11.27
CA ALA B 280 -7.76 25.30 10.75
C ALA B 280 -8.09 23.93 11.34
N ALA B 281 -7.06 23.17 11.66
CA ALA B 281 -7.25 21.84 12.23
C ALA B 281 -7.71 21.88 13.70
N ARG B 282 -7.59 23.02 14.36
CA ARG B 282 -8.03 23.11 15.75
C ARG B 282 -9.51 22.81 15.94
N LYS B 283 -10.33 23.10 14.92
CA LYS B 283 -11.76 22.85 14.99
C LYS B 283 -12.02 21.37 15.31
N VAL B 284 -11.29 20.51 14.60
CA VAL B 284 -11.42 19.08 14.78
C VAL B 284 -10.75 18.65 16.08
N LEU B 285 -9.58 19.21 16.34
CA LEU B 285 -8.81 18.84 17.51
C LEU B 285 -9.54 19.17 18.82
N GLU B 286 -10.23 20.31 18.81
CA GLU B 286 -10.97 20.80 19.98
C GLU B 286 -12.47 20.46 19.98
N GLY B 287 -12.93 19.70 18.98
CA GLY B 287 -14.37 19.39 18.83
C GLY B 287 -15.03 18.73 20.04
N GLY B 288 -14.26 17.92 20.74
CA GLY B 288 -14.72 17.35 22.00
C GLY B 288 -14.55 15.85 22.08
N GLU B 289 -14.57 15.20 20.93
CA GLU B 289 -14.42 13.75 20.86
C GLU B 289 -12.98 13.33 21.16
N ILE B 290 -12.02 13.97 20.50
CA ILE B 290 -10.63 13.73 20.86
C ILE B 290 -10.35 14.24 22.26
N GLU B 291 -9.72 13.38 23.05
N GLU B 291 -9.77 13.37 23.09
CA GLU B 291 -9.36 13.71 24.43
CA GLU B 291 -9.37 13.78 24.42
C GLU B 291 -8.06 14.53 24.33
C GLU B 291 -8.08 14.54 24.28
N LEU B 292 -8.18 15.85 24.47
CA LEU B 292 -7.05 16.75 24.26
C LEU B 292 -6.40 17.07 25.57
N VAL B 293 -5.10 16.77 25.68
CA VAL B 293 -4.34 16.99 26.92
C VAL B 293 -3.28 18.08 26.71
N LYS B 294 -3.21 19.05 27.63
CA LYS B 294 -2.11 20.02 27.66
C LYS B 294 -1.10 19.46 28.65
N ALA B 295 0.08 19.10 28.15
CA ALA B 295 1.09 18.44 28.97
C ALA B 295 1.31 19.20 30.26
N ASP B 296 1.24 18.50 31.39
CA ASP B 296 1.41 19.17 32.67
C ASP B 296 2.89 19.35 32.96
N ASP B 297 3.20 20.05 34.05
CA ASP B 297 4.57 20.43 34.37
C ASP B 297 5.46 19.21 34.53
N ALA B 298 4.95 18.18 35.19
CA ALA B 298 5.71 16.97 35.41
C ALA B 298 6.10 16.35 34.06
N LEU B 299 5.15 16.34 33.13
CA LEU B 299 5.40 15.67 31.87
C LEU B 299 6.38 16.50 31.01
N ILE B 300 6.17 17.81 30.97
CA ILE B 300 7.10 18.69 30.30
C ILE B 300 8.51 18.50 30.87
N GLU B 301 8.65 18.52 32.20
CA GLU B 301 9.96 18.36 32.81
C GLU B 301 10.60 17.03 32.51
N ALA B 302 9.79 15.97 32.51
CA ALA B 302 10.28 14.64 32.21
C ALA B 302 10.82 14.58 30.78
N VAL B 303 10.09 15.18 29.85
CA VAL B 303 10.56 15.21 28.48
C VAL B 303 11.87 16.02 28.40
N ARG B 304 11.90 17.14 29.09
CA ARG B 304 13.09 17.97 29.14
C ARG B 304 14.30 17.14 29.61
N GLU B 305 14.13 16.38 30.69
CA GLU B 305 15.19 15.53 31.22
C GLU B 305 15.67 14.47 30.25
N ARG B 306 14.71 13.74 29.64
CA ARG B 306 15.00 12.67 28.69
C ARG B 306 15.74 13.18 27.44
N THR B 307 15.43 14.40 27.03
CA THR B 307 15.97 14.94 25.78
C THR B 307 17.14 15.91 26.03
N LYS B 308 17.67 15.89 27.27
CA LYS B 308 18.65 16.89 27.74
C LYS B 308 19.93 16.89 26.92
N GLY B 309 20.38 15.73 26.47
CA GLY B 309 21.66 15.64 25.78
C GLY B 309 21.63 15.97 24.29
N PHE B 310 20.45 16.32 23.76
CA PHE B 310 20.32 16.57 22.33
C PHE B 310 21.12 17.79 21.87
N GLU B 311 21.17 18.85 22.68
CA GLU B 311 21.90 20.03 22.26
C GLU B 311 23.41 19.80 22.26
N GLN B 312 23.89 19.10 23.28
CA GLN B 312 25.30 18.74 23.32
C GLN B 312 25.63 17.86 22.12
N ALA B 313 24.74 16.93 21.77
CA ALA B 313 25.01 16.07 20.63
C ALA B 313 25.26 16.95 19.39
N TRP B 314 24.41 17.96 19.21
CA TRP B 314 24.55 18.86 18.07
C TRP B 314 25.84 19.70 18.12
N LEU B 315 26.18 20.22 19.29
CA LEU B 315 27.43 20.94 19.47
C LEU B 315 28.67 20.10 19.12
N ASP B 316 28.67 18.82 19.50
CA ASP B 316 29.78 17.91 19.15
C ASP B 316 29.93 17.79 17.63
N ALA B 317 28.81 17.61 16.95
CA ALA B 317 28.81 17.46 15.49
C ALA B 317 29.23 18.78 14.84
N ALA B 318 28.75 19.89 15.39
CA ALA B 318 29.18 21.18 14.90
C ALA B 318 30.70 21.33 15.02
N LYS B 319 31.26 20.88 16.14
CA LYS B 319 32.69 21.02 16.39
C LYS B 319 33.52 20.14 15.43
N ALA B 320 33.05 18.94 15.18
CA ALA B 320 33.70 18.03 14.25
C ALA B 320 33.73 18.54 12.83
N LYS B 321 32.76 19.41 12.48
CA LYS B 321 32.70 20.01 11.14
C LYS B 321 33.26 21.43 11.14
N GLY B 322 33.90 21.85 12.22
CA GLY B 322 34.55 23.15 12.29
C GLY B 322 33.66 24.38 12.40
N ILE B 323 32.46 24.23 12.94
CA ILE B 323 31.53 25.36 13.10
C ILE B 323 31.55 25.89 14.52
N ASP B 324 31.26 27.18 14.69
CA ASP B 324 31.16 27.79 16.01
C ASP B 324 29.78 27.49 16.58
N GLY B 325 29.67 26.28 17.12
CA GLY B 325 28.43 25.72 17.61
C GLY B 325 27.71 26.63 18.59
N PRO B 326 28.42 27.06 19.63
CA PRO B 326 27.75 27.92 20.62
C PRO B 326 27.20 29.23 20.02
N ALA B 327 27.98 29.92 19.18
CA ALA B 327 27.52 31.14 18.54
C ALA B 327 26.25 30.90 17.69
N ALA B 328 26.21 29.76 17.02
CA ALA B 328 25.07 29.43 16.16
C ALA B 328 23.79 29.24 16.99
N LEU B 329 23.90 28.52 18.12
CA LEU B 329 22.72 28.28 18.95
C LEU B 329 22.25 29.54 19.64
N ALA B 330 23.18 30.40 20.04
CA ALA B 330 22.78 31.65 20.66
C ALA B 330 22.00 32.48 19.64
N SER B 331 22.47 32.49 18.39
CA SER B 331 21.79 33.23 17.33
C SER B 331 20.40 32.68 17.03
N PHE B 332 20.32 31.36 16.93
CA PHE B 332 19.03 30.68 16.78
C PHE B 332 18.06 31.05 17.92
N ARG B 333 18.52 30.95 19.15
CA ARG B 333 17.64 31.18 20.29
C ARG B 333 17.19 32.65 20.30
N ALA B 334 18.12 33.54 19.96
CA ALA B 334 17.81 34.96 19.93
C ALA B 334 16.76 35.29 18.87
N GLU B 335 16.89 34.67 17.71
CA GLU B 335 15.96 34.88 16.62
C GLU B 335 14.56 34.30 16.95
N ILE B 336 14.51 33.07 17.48
CA ILE B 336 13.23 32.47 17.91
C ILE B 336 12.47 33.34 18.91
N LYS B 337 13.23 33.85 19.87
CA LYS B 337 12.67 34.71 20.92
C LYS B 337 12.03 35.95 20.33
N GLN B 338 12.78 36.66 19.47
CA GLN B 338 12.31 37.91 18.89
C GLN B 338 11.02 37.67 18.09
N LEU B 339 10.99 36.58 17.32
CA LEU B 339 9.84 36.26 16.50
C LEU B 339 8.61 35.84 17.32
N ASP B 340 8.82 35.10 18.38
CA ASP B 340 7.72 34.60 19.21
C ASP B 340 7.17 35.67 20.18
N GLN B 341 7.96 36.70 20.46
CA GLN B 341 7.53 37.71 21.42
C GLN B 341 6.97 39.01 20.78
N GLN B 342 6.36 38.90 19.60
CA GLN B 342 5.72 40.04 18.95
C GLN B 342 4.72 40.82 19.79
N PRO C 26 -3.76 32.98 -23.33
CA PRO C 26 -4.81 32.22 -22.63
C PRO C 26 -5.63 31.35 -23.58
N VAL C 27 -6.11 30.23 -23.07
CA VAL C 27 -6.84 29.28 -23.87
C VAL C 27 -8.20 29.01 -23.24
N GLU C 28 -9.20 28.99 -24.09
CA GLU C 28 -10.55 28.68 -23.67
C GLU C 28 -10.93 27.41 -24.41
N LEU C 29 -11.02 26.32 -23.67
CA LEU C 29 -11.34 25.02 -24.24
C LEU C 29 -12.86 24.84 -24.34
N THR C 30 -13.37 24.55 -25.54
CA THR C 30 -14.80 24.32 -25.66
C THR C 30 -15.14 22.89 -25.27
N LEU C 31 -16.27 22.76 -24.59
CA LEU C 31 -16.72 21.50 -24.04
C LEU C 31 -18.12 21.23 -24.57
N SER C 32 -18.32 20.07 -25.17
CA SER C 32 -19.69 19.69 -25.57
C SER C 32 -20.18 18.58 -24.63
N SER C 33 -21.43 18.70 -24.20
CA SER C 33 -22.06 17.66 -23.42
C SER C 33 -23.31 17.16 -24.12
N TRP C 34 -23.49 15.85 -24.13
CA TRP C 34 -24.70 15.25 -24.69
C TRP C 34 -25.65 14.85 -23.59
N LEU C 35 -25.34 15.26 -22.36
CA LEU C 35 -26.25 15.15 -21.22
C LEU C 35 -26.73 16.54 -20.78
N PRO C 36 -27.95 16.59 -20.23
CA PRO C 36 -28.51 17.84 -19.69
C PRO C 36 -27.61 18.45 -18.63
N PRO C 37 -27.58 19.79 -18.53
CA PRO C 37 -26.68 20.49 -17.62
C PRO C 37 -26.91 20.14 -16.16
N THR C 38 -28.09 19.63 -15.82
CA THR C 38 -28.41 19.28 -14.44
C THR C 38 -27.91 17.88 -14.09
N HIS C 39 -27.48 17.15 -15.09
CA HIS C 39 -27.03 15.79 -14.83
C HIS C 39 -25.74 15.84 -14.04
N ALA C 40 -25.54 14.83 -13.20
CA ALA C 40 -24.31 14.69 -12.41
C ALA C 40 -23.01 15.00 -13.15
N VAL C 41 -22.83 14.35 -14.29
CA VAL C 41 -21.63 14.53 -15.10
C VAL C 41 -21.32 15.99 -15.38
N VAL C 42 -22.34 16.82 -15.59
CA VAL C 42 -22.09 18.24 -15.84
C VAL C 42 -22.09 19.06 -14.56
N ALA C 43 -23.18 18.98 -13.80
CA ALA C 43 -23.35 19.83 -12.61
C ALA C 43 -22.32 19.58 -11.51
N ASP C 44 -21.97 18.32 -11.26
CA ASP C 44 -21.10 18.00 -10.12
C ASP C 44 -19.76 17.43 -10.53
N PHE C 45 -19.55 17.22 -11.82
CA PHE C 45 -18.22 16.87 -12.26
C PHE C 45 -17.65 17.97 -13.16
N LEU C 46 -18.15 18.12 -14.39
CA LEU C 46 -17.49 19.01 -15.34
C LEU C 46 -17.42 20.47 -14.90
N MSE C 47 -18.48 20.99 -14.31
CA MSE C 47 -18.46 22.40 -13.86
C MSE C 47 -17.46 22.69 -12.72
O MSE C 47 -16.66 23.62 -12.82
CB MSE C 47 -19.85 22.88 -13.49
CG MSE C 47 -20.78 23.04 -14.71
SE MSE C 47 -20.02 24.09 -16.23
CE MSE C 47 -18.89 22.74 -17.14
H MSE C 47 -19.22 20.57 -14.16
HA MSE C 47 -18.17 22.94 -14.62
HB2 MSE C 47 -20.27 22.25 -12.89
HB3 MSE C 47 -19.78 23.76 -13.06
HG2 MSE C 47 -21.00 22.16 -15.05
HG3 MSE C 47 -21.60 23.49 -14.43
HE1 MSE C 47 -18.47 23.16 -17.90
HE2 MSE C 47 -18.22 22.43 -16.53
HE3 MSE C 47 -19.43 22.01 -17.43
N PRO C 48 -17.50 21.89 -11.64
CA PRO C 48 -16.46 22.11 -10.61
C PRO C 48 -15.08 21.87 -11.20
N TRP C 49 -14.97 20.90 -12.11
CA TRP C 49 -13.68 20.57 -12.68
C TRP C 49 -13.15 21.75 -13.48
N GLY C 50 -14.01 22.34 -14.32
CA GLY C 50 -13.61 23.51 -15.08
C GLY C 50 -13.17 24.60 -14.11
N GLU C 51 -13.81 24.66 -12.95
CA GLU C 51 -13.45 25.66 -11.97
C GLU C 51 -12.09 25.42 -11.31
N GLU C 52 -11.76 24.15 -11.08
CA GLU C 52 -10.46 23.81 -10.56
C GLU C 52 -9.37 24.17 -11.56
N ILE C 53 -9.64 23.91 -12.84
CA ILE C 53 -8.69 24.20 -13.88
C ILE C 53 -8.40 25.70 -13.94
N ARG C 54 -9.46 26.49 -13.98
CA ARG C 54 -9.32 27.95 -14.05
C ARG C 54 -8.46 28.49 -12.93
N LYS C 55 -8.77 28.03 -11.71
CA LYS C 55 -8.11 28.54 -10.51
C LYS C 55 -6.65 28.14 -10.48
N ALA C 56 -6.38 26.90 -10.90
CA ALA C 56 -5.01 26.39 -10.79
C ALA C 56 -4.11 26.98 -11.86
N THR C 57 -4.73 27.57 -12.89
CA THR C 57 -4.01 28.14 -14.01
C THR C 57 -4.14 29.66 -14.05
N ASP C 58 -4.74 30.23 -13.00
CA ASP C 58 -4.93 31.67 -12.92
C ASP C 58 -5.66 32.23 -14.15
N GLY C 59 -6.66 31.51 -14.62
CA GLY C 59 -7.51 31.96 -15.71
C GLY C 59 -6.93 31.72 -17.11
N ARG C 60 -5.69 31.23 -17.17
CA ARG C 60 -5.03 30.97 -18.45
C ARG C 60 -5.68 29.83 -19.21
N VAL C 61 -6.31 28.91 -18.49
CA VAL C 61 -7.04 27.85 -19.15
C VAL C 61 -8.43 27.83 -18.56
N THR C 62 -9.44 27.88 -19.41
CA THR C 62 -10.82 27.79 -18.94
C THR C 62 -11.58 26.80 -19.81
N LEU C 63 -12.64 26.26 -19.25
CA LEU C 63 -13.47 25.30 -19.94
C LEU C 63 -14.78 26.01 -20.25
N ARG C 64 -15.21 26.03 -21.52
CA ARG C 64 -16.47 26.71 -21.87
C ARG C 64 -17.52 25.69 -22.33
N LEU C 65 -18.54 25.49 -21.50
CA LEU C 65 -19.60 24.55 -21.83
C LEU C 65 -20.45 25.13 -22.93
N LEU C 66 -20.46 24.50 -24.11
CA LEU C 66 -21.36 24.92 -25.19
C LEU C 66 -22.83 24.69 -24.81
N PRO C 67 -23.75 25.53 -25.31
CA PRO C 67 -25.17 25.51 -24.91
C PRO C 67 -25.98 24.35 -25.51
N LYS C 68 -25.45 23.70 -26.54
CA LYS C 68 -26.10 22.55 -27.16
C LYS C 68 -25.03 21.52 -27.39
N ALA C 69 -25.42 20.25 -27.46
CA ALA C 69 -24.50 19.20 -27.90
C ALA C 69 -24.17 19.48 -29.37
N VAL C 70 -22.92 19.29 -29.77
CA VAL C 70 -22.52 19.66 -31.13
C VAL C 70 -22.85 18.58 -32.11
N THR C 71 -23.07 17.38 -31.60
CA THR C 71 -23.48 16.30 -32.46
C THR C 71 -24.22 15.28 -31.58
N ASN C 72 -24.48 14.12 -32.12
CA ASN C 72 -25.09 13.03 -31.36
C ASN C 72 -24.10 12.44 -30.36
N PRO C 73 -24.61 11.70 -29.37
CA PRO C 73 -23.69 11.19 -28.33
C PRO C 73 -22.47 10.40 -28.85
N ALA C 74 -22.65 9.33 -29.62
CA ALA C 74 -21.50 8.58 -30.14
C ALA C 74 -20.58 9.47 -30.99
N GLY C 75 -21.15 10.45 -31.70
CA GLY C 75 -20.37 11.32 -32.58
C GLY C 75 -19.39 12.25 -31.85
N HIS C 76 -19.51 12.35 -30.53
CA HIS C 76 -18.62 13.22 -29.76
C HIS C 76 -17.13 12.80 -29.82
N PHE C 77 -16.84 11.53 -30.01
CA PHE C 77 -15.45 11.14 -30.07
C PHE C 77 -14.78 11.79 -31.26
N ASP C 78 -15.42 11.64 -32.41
CA ASP C 78 -14.95 12.19 -33.66
C ASP C 78 -14.99 13.72 -33.66
N ALA C 79 -15.95 14.29 -32.93
CA ALA C 79 -16.03 15.74 -32.77
C ALA C 79 -14.77 16.28 -32.12
N VAL C 80 -14.26 15.58 -31.13
CA VAL C 80 -13.01 15.98 -30.53
C VAL C 80 -11.81 15.70 -31.43
N ARG C 81 -11.77 14.51 -32.04
CA ARG C 81 -10.66 14.17 -32.92
C ARG C 81 -10.57 15.15 -34.10
N ASP C 82 -11.72 15.52 -34.64
CA ASP C 82 -11.77 16.40 -35.81
C ASP C 82 -11.64 17.88 -35.50
N GLY C 83 -11.50 18.21 -34.22
CA GLY C 83 -11.30 19.58 -33.78
C GLY C 83 -12.56 20.44 -33.71
N LEU C 84 -13.73 19.82 -33.85
CA LEU C 84 -14.98 20.58 -33.75
C LEU C 84 -15.18 21.15 -32.34
N VAL C 85 -14.75 20.39 -31.32
CA VAL C 85 -14.72 20.89 -29.96
C VAL C 85 -13.47 20.35 -29.32
N ASP C 86 -13.11 20.91 -28.17
CA ASP C 86 -11.81 20.60 -27.59
C ASP C 86 -11.87 19.45 -26.59
N VAL C 87 -12.95 19.40 -25.81
CA VAL C 87 -13.08 18.43 -24.73
C VAL C 87 -14.45 17.82 -24.72
N THR C 88 -14.54 16.54 -24.39
CA THR C 88 -15.86 15.95 -24.12
C THR C 88 -15.72 14.71 -23.27
N PHE C 89 -16.84 14.06 -22.98
CA PHE C 89 -16.84 12.72 -22.42
C PHE C 89 -17.55 11.77 -23.40
N VAL C 90 -17.17 10.50 -23.38
CA VAL C 90 -17.73 9.50 -24.30
C VAL C 90 -18.00 8.25 -23.50
N SER C 91 -19.09 7.57 -23.81
CA SER C 91 -19.38 6.33 -23.12
C SER C 91 -18.71 5.19 -23.85
N HIS C 92 -18.01 4.34 -23.11
CA HIS C 92 -17.42 3.14 -23.69
C HIS C 92 -18.43 2.11 -24.21
N ALA C 93 -19.71 2.31 -23.93
CA ALA C 93 -20.74 1.38 -24.39
C ALA C 93 -21.26 1.76 -25.75
N TYR C 94 -20.93 2.95 -26.23
CA TYR C 94 -21.61 3.50 -27.39
C TYR C 94 -20.92 3.18 -28.69
N TYR C 95 -19.89 2.35 -28.66
CA TYR C 95 -19.10 2.04 -29.88
C TYR C 95 -18.94 0.54 -30.12
N PRO C 96 -19.92 -0.08 -30.81
CA PRO C 96 -19.82 -1.51 -31.05
C PRO C 96 -18.46 -1.88 -31.59
N GLY C 97 -17.84 -2.87 -30.96
CA GLY C 97 -16.59 -3.38 -31.46
C GLY C 97 -15.36 -2.66 -30.95
N ARG C 98 -15.54 -1.61 -30.16
CA ARG C 98 -14.40 -0.86 -29.61
C ARG C 98 -14.47 -0.81 -28.07
N PHE C 99 -13.34 -0.52 -27.42
CA PHE C 99 -13.30 -0.39 -25.97
C PHE C 99 -13.64 -1.67 -25.23
N GLN C 100 -13.32 -2.82 -25.81
CA GLN C 100 -13.66 -4.05 -25.14
C GLN C 100 -12.80 -4.25 -23.92
N LEU C 101 -11.64 -3.61 -23.89
CA LEU C 101 -10.76 -3.76 -22.75
C LEU C 101 -11.26 -3.02 -21.51
N THR C 102 -12.25 -2.12 -21.66
CA THR C 102 -12.77 -1.45 -20.48
C THR C 102 -13.70 -2.36 -19.69
N LYS C 103 -14.00 -3.55 -20.21
CA LYS C 103 -15.10 -4.34 -19.64
C LYS C 103 -14.79 -4.93 -18.25
N PHE C 104 -13.51 -5.07 -17.91
CA PHE C 104 -13.14 -5.55 -16.59
C PHE C 104 -13.70 -4.71 -15.46
N ALA C 105 -13.96 -3.43 -15.73
CA ALA C 105 -14.37 -2.54 -14.65
C ALA C 105 -15.88 -2.49 -14.34
N VAL C 106 -16.69 -3.19 -15.14
CA VAL C 106 -18.15 -3.01 -15.09
C VAL C 106 -18.98 -4.30 -15.04
N LEU C 107 -18.34 -5.38 -14.59
CA LEU C 107 -18.98 -6.69 -14.45
C LEU C 107 -20.07 -6.69 -13.39
N PRO C 108 -21.07 -7.56 -13.54
CA PRO C 108 -22.10 -7.69 -12.51
C PRO C 108 -21.47 -7.87 -11.11
N PHE C 109 -22.08 -7.28 -10.08
CA PHE C 109 -21.66 -7.48 -8.69
C PHE C 109 -20.35 -6.78 -8.39
N SER C 110 -19.90 -5.91 -9.28
CA SER C 110 -18.58 -5.29 -9.18
C SER C 110 -18.37 -4.38 -7.95
N GLY C 111 -19.39 -3.62 -7.55
CA GLY C 111 -19.25 -2.69 -6.44
C GLY C 111 -20.48 -1.83 -6.25
N ASP C 112 -20.77 -1.40 -5.02
CA ASP C 112 -22.01 -0.64 -4.78
C ASP C 112 -21.80 0.86 -4.91
N THR C 113 -20.57 1.29 -5.25
CA THR C 113 -20.37 2.72 -5.52
C THR C 113 -19.52 3.02 -6.75
N ALA C 114 -19.59 4.26 -7.19
CA ALA C 114 -18.87 4.69 -8.37
C ALA C 114 -17.43 5.16 -8.08
N THR C 115 -17.22 5.77 -6.92
CA THR C 115 -15.91 6.41 -6.66
C THR C 115 -14.80 5.39 -6.62
N SER C 116 -14.96 4.37 -5.78
CA SER C 116 -13.98 3.30 -5.66
C SER C 116 -13.64 2.75 -7.01
N ARG C 117 -14.67 2.23 -7.66
CA ARG C 117 -14.59 1.66 -9.00
C ARG C 117 -13.92 2.58 -10.02
N SER C 118 -14.24 3.88 -9.96
CA SER C 118 -13.66 4.84 -10.91
C SER C 118 -12.16 4.90 -10.75
N ILE C 119 -11.71 5.11 -9.52
CA ILE C 119 -10.30 5.25 -9.26
C ILE C 119 -9.58 3.94 -9.61
N ALA C 120 -10.16 2.83 -9.18
CA ALA C 120 -9.57 1.53 -9.50
C ALA C 120 -9.52 1.35 -11.01
N ALA C 121 -10.62 1.67 -11.69
CA ALA C 121 -10.67 1.48 -13.13
C ALA C 121 -9.58 2.29 -13.84
N TRP C 122 -9.43 3.56 -13.49
CA TRP C 122 -8.44 4.38 -14.18
C TRP C 122 -7.02 3.84 -13.91
N ASP C 123 -6.75 3.51 -12.66
CA ASP C 123 -5.41 3.06 -12.29
C ASP C 123 -5.01 1.83 -13.08
N THR C 124 -5.96 0.90 -13.22
CA THR C 124 -5.71 -0.30 -13.97
C THR C 124 -5.51 0.02 -15.46
N TYR C 125 -6.39 0.85 -16.02
CA TYR C 125 -6.35 1.13 -17.44
C TYR C 125 -5.01 1.73 -17.86
N GLU C 126 -4.57 2.70 -17.05
CA GLU C 126 -3.36 3.43 -17.31
C GLU C 126 -2.15 2.49 -17.30
N LYS C 127 -2.18 1.51 -16.40
CA LYS C 127 -1.00 0.68 -16.18
C LYS C 127 -0.83 -0.43 -17.19
N TYR C 128 -1.95 -1.02 -17.60
CA TYR C 128 -1.92 -2.22 -18.44
C TYR C 128 -2.45 -2.01 -19.84
N LEU C 129 -3.42 -1.10 -20.02
CA LEU C 129 -4.25 -1.14 -21.20
C LEU C 129 -3.98 -0.10 -22.28
N LEU C 130 -3.13 0.89 -22.01
CA LEU C 130 -2.92 1.96 -22.99
C LEU C 130 -2.38 1.47 -24.34
N LYS C 131 -1.38 0.60 -24.30
CA LYS C 131 -0.73 0.09 -25.50
C LYS C 131 -1.71 -0.41 -26.58
N ALA C 132 -2.92 -0.80 -26.16
CA ALA C 132 -3.96 -1.24 -27.09
C ALA C 132 -4.49 -0.04 -27.89
N ASP C 133 -4.23 1.15 -27.37
CA ASP C 133 -4.53 2.34 -28.15
C ASP C 133 -6.01 2.42 -28.48
N GLU C 134 -6.87 2.06 -27.53
CA GLU C 134 -8.32 2.09 -27.80
C GLU C 134 -8.84 3.50 -28.07
N HIS C 135 -8.12 4.51 -27.56
CA HIS C 135 -8.55 5.90 -27.70
C HIS C 135 -7.72 6.66 -28.76
N LYS C 136 -7.29 5.93 -29.78
CA LYS C 136 -6.42 6.50 -30.82
C LYS C 136 -7.03 7.76 -31.43
N GLY C 137 -6.19 8.77 -31.65
CA GLY C 137 -6.63 9.99 -32.30
C GLY C 137 -6.95 11.18 -31.39
N VAL C 138 -7.08 10.92 -30.10
CA VAL C 138 -7.35 11.98 -29.13
C VAL C 138 -6.46 11.74 -27.91
N ARG C 139 -6.33 12.72 -27.03
CA ARG C 139 -5.63 12.48 -25.78
C ARG C 139 -6.61 12.02 -24.71
N LEU C 140 -6.31 10.85 -24.14
CA LEU C 140 -7.11 10.33 -23.02
C LEU C 140 -6.67 11.04 -21.72
N LEU C 141 -7.57 11.81 -21.11
CA LEU C 141 -7.26 12.44 -19.83
C LEU C 141 -7.60 11.58 -18.63
N GLY C 142 -8.74 10.90 -18.67
CA GLY C 142 -9.16 10.04 -17.57
C GLY C 142 -10.36 9.17 -17.90
N ILE C 143 -10.68 8.25 -16.99
CA ILE C 143 -11.85 7.40 -17.12
C ILE C 143 -12.56 7.40 -15.78
N TYR C 144 -13.88 7.30 -15.84
CA TYR C 144 -14.68 7.07 -14.64
C TYR C 144 -15.77 6.05 -14.90
N ALA C 145 -16.35 5.54 -13.81
CA ALA C 145 -17.46 4.59 -13.87
C ALA C 145 -18.67 5.19 -13.16
N HIS C 146 -19.88 4.81 -13.58
CA HIS C 146 -21.03 5.13 -12.76
C HIS C 146 -21.28 4.06 -11.70
N GLY C 147 -22.35 4.23 -10.96
CA GLY C 147 -22.67 3.33 -9.84
C GLY C 147 -23.30 2.05 -10.33
N PRO C 148 -23.73 1.21 -9.38
CA PRO C 148 -24.35 -0.07 -9.67
C PRO C 148 -25.54 0.10 -10.58
N GLY C 149 -25.63 -0.77 -11.59
CA GLY C 149 -26.73 -0.69 -12.51
C GLY C 149 -27.95 -1.36 -11.92
N ILE C 150 -29.11 -0.87 -12.30
CA ILE C 150 -30.37 -1.38 -11.82
C ILE C 150 -31.26 -1.79 -12.99
N ALA C 151 -32.03 -2.85 -12.83
CA ALA C 151 -32.97 -3.25 -13.84
C ALA C 151 -34.30 -2.55 -13.57
N PHE C 152 -34.60 -1.55 -14.39
CA PHE C 152 -35.85 -0.78 -14.26
C PHE C 152 -36.86 -1.29 -15.29
N THR C 153 -38.11 -1.46 -14.90
CA THR C 153 -39.13 -1.82 -15.89
C THR C 153 -40.43 -1.00 -15.73
N THR C 154 -41.23 -1.01 -16.79
CA THR C 154 -42.45 -0.22 -16.79
C THR C 154 -43.59 -0.97 -16.12
N SER C 155 -43.71 -2.27 -16.41
CA SER C 155 -44.83 -3.05 -15.87
C SER C 155 -44.51 -4.45 -15.35
N LYS C 156 -43.32 -4.97 -15.65
CA LYS C 156 -43.02 -6.37 -15.37
C LYS C 156 -42.08 -6.44 -14.19
N PRO C 157 -42.57 -6.94 -13.05
CA PRO C 157 -41.63 -7.09 -11.94
C PRO C 157 -40.57 -8.14 -12.25
N VAL C 158 -39.33 -7.87 -11.85
CA VAL C 158 -38.26 -8.80 -12.10
C VAL C 158 -37.77 -9.43 -10.80
N LYS C 159 -38.25 -10.64 -10.55
CA LYS C 159 -38.04 -11.29 -9.25
C LYS C 159 -37.39 -12.65 -9.41
N GLN C 160 -37.54 -13.23 -10.61
CA GLN C 160 -36.89 -14.49 -10.93
C GLN C 160 -36.37 -14.41 -12.37
N ILE C 161 -35.35 -15.20 -12.67
CA ILE C 161 -34.55 -15.00 -13.87
C ILE C 161 -35.44 -15.05 -15.11
N GLY C 162 -36.46 -15.90 -15.07
CA GLY C 162 -37.37 -16.03 -16.21
C GLY C 162 -38.12 -14.75 -16.57
N ASP C 163 -38.21 -13.83 -15.62
CA ASP C 163 -38.97 -12.58 -15.83
C ASP C 163 -38.31 -11.64 -16.86
N PHE C 164 -37.02 -11.84 -17.11
CA PHE C 164 -36.31 -11.04 -18.09
C PHE C 164 -36.69 -11.42 -19.50
N GLN C 165 -37.27 -12.62 -19.67
CA GLN C 165 -37.38 -13.21 -21.00
C GLN C 165 -38.27 -12.38 -21.89
N GLY C 166 -37.73 -12.01 -23.04
CA GLY C 166 -38.47 -11.25 -24.01
C GLY C 166 -38.77 -9.82 -23.65
N LEU C 167 -38.21 -9.28 -22.58
CA LEU C 167 -38.29 -7.84 -22.33
C LEU C 167 -37.34 -7.05 -23.22
N LYS C 168 -37.84 -5.96 -23.81
CA LYS C 168 -36.97 -5.05 -24.55
C LYS C 168 -36.38 -3.98 -23.61
N ILE C 169 -35.07 -4.04 -23.44
CA ILE C 169 -34.40 -3.24 -22.43
C ILE C 169 -33.47 -2.24 -23.09
N ARG C 170 -33.72 -0.97 -22.87
CA ARG C 170 -32.82 0.08 -23.34
C ARG C 170 -31.51 -0.06 -22.60
N VAL C 171 -30.40 -0.23 -23.32
CA VAL C 171 -29.08 -0.29 -22.71
C VAL C 171 -28.16 0.65 -23.47
N GLY C 172 -27.07 1.09 -22.86
CA GLY C 172 -26.10 1.89 -23.60
C GLY C 172 -25.43 1.09 -24.71
N GLY C 173 -25.23 -0.21 -24.46
CA GLY C 173 -24.38 -1.02 -25.30
C GLY C 173 -23.41 -1.75 -24.37
N GLY C 174 -22.26 -2.17 -24.89
CA GLY C 174 -21.20 -2.78 -24.09
C GLY C 174 -21.67 -3.78 -23.08
N MSE C 175 -21.18 -3.65 -21.83
CA MSE C 175 -21.50 -4.63 -20.79
C MSE C 175 -23.01 -4.72 -20.53
O MSE C 175 -23.54 -5.80 -20.36
CB MSE C 175 -20.79 -4.28 -19.50
CG MSE C 175 -21.09 -5.23 -18.36
SE MSE C 175 -20.50 -7.11 -18.70
CE MSE C 175 -18.61 -6.76 -19.07
H MSE C 175 -20.67 -3.02 -21.58
HA MSE C 175 -21.18 -5.52 -21.08
HB2 MSE C 175 -19.84 -4.29 -19.64
HB3 MSE C 175 -21.08 -3.40 -19.22
HG2 MSE C 175 -20.62 -4.93 -17.56
HG3 MSE C 175 -22.04 -5.25 -18.20
HE1 MSE C 175 -18.18 -7.59 -19.26
HE2 MSE C 175 -18.54 -6.18 -19.82
HE3 MSE C 175 -18.20 -6.35 -18.30
N ALA C 176 -23.69 -3.58 -20.48
CA ALA C 176 -25.13 -3.60 -20.24
C ALA C 176 -25.84 -4.46 -21.28
N ALA C 177 -25.46 -4.33 -22.55
CA ALA C 177 -26.04 -5.16 -23.60
C ALA C 177 -25.69 -6.65 -23.41
N ASP C 178 -24.44 -6.92 -23.07
CA ASP C 178 -24.02 -8.31 -22.80
C ASP C 178 -24.87 -8.94 -21.70
N VAL C 179 -25.02 -8.23 -20.59
CA VAL C 179 -25.78 -8.76 -19.48
C VAL C 179 -27.23 -8.96 -19.89
N ALA C 180 -27.80 -7.96 -20.58
CA ALA C 180 -29.20 -8.05 -21.00
C ALA C 180 -29.42 -9.30 -21.85
N LYS C 181 -28.55 -9.53 -22.81
CA LYS C 181 -28.74 -10.69 -23.69
C LYS C 181 -28.59 -11.97 -22.87
N ALA C 182 -27.60 -11.99 -21.97
CA ALA C 182 -27.29 -13.18 -21.21
C ALA C 182 -28.46 -13.61 -20.33
N VAL C 183 -29.19 -12.64 -19.77
CA VAL C 183 -30.28 -12.96 -18.87
C VAL C 183 -31.58 -13.24 -19.63
N GLY C 184 -31.55 -13.20 -20.97
CA GLY C 184 -32.72 -13.56 -21.76
C GLY C 184 -33.59 -12.40 -22.27
N ALA C 185 -33.23 -11.18 -21.92
CA ALA C 185 -33.91 -10.00 -22.44
C ALA C 185 -33.40 -9.66 -23.85
N SER C 186 -34.04 -8.70 -24.49
CA SER C 186 -33.61 -8.22 -25.80
C SER C 186 -33.10 -6.78 -25.67
N PRO C 187 -31.80 -6.57 -25.84
CA PRO C 187 -31.30 -5.21 -25.65
C PRO C 187 -31.65 -4.32 -26.83
N ILE C 188 -31.95 -3.07 -26.53
CA ILE C 188 -32.04 -2.00 -27.50
C ILE C 188 -30.92 -1.05 -27.09
N ALA C 189 -29.82 -1.10 -27.82
CA ALA C 189 -28.69 -0.26 -27.48
C ALA C 189 -28.89 1.12 -28.12
N LYS C 190 -29.12 2.12 -27.27
CA LYS C 190 -29.37 3.49 -27.71
C LYS C 190 -28.85 4.42 -26.60
N PRO C 191 -28.35 5.60 -26.95
CA PRO C 191 -27.80 6.51 -25.93
C PRO C 191 -28.83 6.91 -24.87
N ALA C 192 -28.29 7.31 -23.71
CA ALA C 192 -29.08 7.55 -22.52
C ALA C 192 -30.24 8.54 -22.71
N PRO C 193 -30.00 9.66 -23.42
CA PRO C 193 -31.06 10.64 -23.60
C PRO C 193 -32.25 10.12 -24.40
N GLU C 194 -32.14 9.00 -25.08
CA GLU C 194 -33.29 8.47 -25.83
C GLU C 194 -34.20 7.65 -24.95
N SER C 195 -33.79 7.39 -23.71
CA SER C 195 -34.53 6.45 -22.86
C SER C 195 -35.95 6.85 -22.61
N TYR C 196 -36.16 8.11 -22.29
CA TYR C 196 -37.50 8.52 -21.94
C TYR C 196 -38.47 8.24 -23.11
N GLU C 197 -38.08 8.67 -24.30
CA GLU C 197 -38.93 8.51 -25.48
C GLU C 197 -39.23 7.03 -25.75
N LEU C 198 -38.20 6.19 -25.70
CA LEU C 198 -38.37 4.75 -25.92
C LEU C 198 -39.33 4.10 -24.91
N LEU C 199 -39.25 4.54 -23.67
CA LEU C 199 -40.11 4.04 -22.63
C LEU C 199 -41.52 4.62 -22.71
N SER C 200 -41.64 5.92 -22.97
N SER C 200 -41.64 5.92 -22.97
CA SER C 200 -42.95 6.58 -22.97
CA SER C 200 -42.95 6.56 -22.96
C SER C 200 -43.81 6.15 -24.14
C SER C 200 -43.82 6.08 -24.12
N THR C 201 -43.17 5.77 -25.24
CA THR C 201 -43.90 5.31 -26.42
C THR C 201 -44.17 3.80 -26.41
N GLY C 202 -43.50 3.07 -25.53
CA GLY C 202 -43.76 1.65 -25.36
C GLY C 202 -42.85 0.76 -26.17
N VAL C 203 -41.87 1.34 -26.86
CA VAL C 203 -40.89 0.57 -27.61
C VAL C 203 -40.11 -0.38 -26.70
N ALA C 204 -39.66 0.16 -25.56
CA ALA C 204 -38.87 -0.54 -24.57
C ALA C 204 -39.72 -0.89 -23.34
N ASP C 205 -39.51 -2.09 -22.81
CA ASP C 205 -40.20 -2.55 -21.61
C ASP C 205 -39.51 -2.11 -20.32
N GLY C 206 -38.25 -1.70 -20.46
CA GLY C 206 -37.48 -1.29 -19.32
C GLY C 206 -36.18 -0.69 -19.76
N VAL C 207 -35.33 -0.40 -18.77
CA VAL C 207 -34.03 0.22 -18.99
C VAL C 207 -33.04 -0.19 -17.91
N PHE C 208 -31.79 -0.39 -18.33
CA PHE C 208 -30.67 -0.55 -17.43
C PHE C 208 -30.01 0.84 -17.25
N PHE C 209 -30.04 1.30 -16.01
CA PHE C 209 -29.50 2.60 -15.61
C PHE C 209 -29.07 2.50 -14.15
N PRO C 210 -28.14 3.36 -13.74
CA PRO C 210 -27.95 3.49 -12.27
C PRO C 210 -29.10 4.27 -11.63
N ALA C 211 -29.11 4.34 -10.31
CA ALA C 211 -30.22 5.00 -9.63
C ALA C 211 -30.43 6.47 -10.04
N GLU C 212 -29.37 7.23 -10.21
CA GLU C 212 -29.56 8.68 -10.43
C GLU C 212 -30.41 8.96 -11.66
N SER C 213 -30.35 8.06 -12.64
CA SER C 213 -31.03 8.25 -13.92
C SER C 213 -32.55 8.30 -13.79
N LEU C 214 -33.10 7.59 -12.83
CA LEU C 214 -34.52 7.67 -12.51
C LEU C 214 -35.00 9.11 -12.33
N VAL C 215 -34.18 9.91 -11.67
CA VAL C 215 -34.46 11.31 -11.46
C VAL C 215 -33.96 12.26 -12.56
N SER C 216 -32.70 12.15 -12.97
CA SER C 216 -32.16 13.09 -13.96
C SER C 216 -32.92 13.01 -15.29
N PHE C 217 -33.42 11.84 -15.64
CA PHE C 217 -34.24 11.69 -16.86
C PHE C 217 -35.74 11.62 -16.55
N LYS C 218 -36.12 11.89 -15.31
CA LYS C 218 -37.52 11.98 -14.95
C LYS C 218 -38.28 10.75 -15.38
N LEU C 219 -37.69 9.58 -15.13
CA LEU C 219 -38.28 8.30 -15.54
C LEU C 219 -39.39 7.80 -14.61
N ASP C 220 -39.61 8.51 -13.51
CA ASP C 220 -40.57 8.07 -12.51
C ASP C 220 -42.04 8.29 -12.94
N SER C 221 -42.25 8.99 -14.04
CA SER C 221 -43.59 9.10 -14.60
C SER C 221 -43.98 7.78 -15.27
N ILE C 222 -42.98 6.95 -15.56
CA ILE C 222 -43.20 5.81 -16.43
C ILE C 222 -42.80 4.47 -15.81
N ILE C 223 -41.67 4.48 -15.09
CA ILE C 223 -41.10 3.26 -14.50
C ILE C 223 -41.80 2.93 -13.20
N ARG C 224 -42.31 1.71 -13.07
CA ARG C 224 -43.03 1.34 -11.87
C ARG C 224 -42.37 0.21 -11.10
N HIS C 225 -41.25 -0.30 -11.61
CA HIS C 225 -40.57 -1.46 -11.02
C HIS C 225 -39.06 -1.33 -11.09
N ALA C 226 -38.38 -1.82 -10.07
CA ALA C 226 -36.93 -1.83 -10.05
C ALA C 226 -36.40 -3.00 -9.25
N THR C 227 -35.39 -3.66 -9.78
CA THR C 227 -34.71 -4.71 -9.06
C THR C 227 -33.25 -4.38 -8.95
N GLU C 228 -32.75 -4.45 -7.73
CA GLU C 228 -31.37 -4.15 -7.44
C GLU C 228 -30.62 -5.41 -7.11
N PHE C 229 -29.32 -5.36 -7.37
CA PHE C 229 -28.38 -6.45 -7.11
C PHE C 229 -27.22 -5.96 -6.27
N PRO C 230 -26.69 -6.84 -5.39
CA PRO C 230 -25.52 -6.52 -4.58
C PRO C 230 -24.35 -6.27 -5.50
N GLY C 231 -23.79 -5.07 -5.43
CA GLY C 231 -22.69 -4.68 -6.31
C GLY C 231 -23.07 -4.34 -7.75
N GLY C 232 -24.36 -4.15 -8.02
CA GLY C 232 -24.81 -3.78 -9.35
C GLY C 232 -25.01 -4.95 -10.32
N LEU C 233 -26.00 -4.80 -11.19
CA LEU C 233 -26.22 -5.77 -12.26
C LEU C 233 -25.14 -5.68 -13.36
N TYR C 234 -24.54 -4.49 -13.47
CA TYR C 234 -23.57 -4.17 -14.52
C TYR C 234 -23.14 -2.73 -14.22
N SER C 235 -22.11 -2.24 -14.91
CA SER C 235 -21.83 -0.80 -14.86
C SER C 235 -21.35 -0.32 -16.22
N ASP C 236 -20.87 0.91 -16.28
CA ASP C 236 -20.42 1.49 -17.54
C ASP C 236 -19.30 2.46 -17.19
N THR C 237 -18.39 2.69 -18.13
CA THR C 237 -17.31 3.67 -17.89
C THR C 237 -17.40 4.67 -19.02
N HIS C 238 -16.91 5.89 -18.76
CA HIS C 238 -16.83 6.95 -19.75
C HIS C 238 -15.38 7.41 -19.77
N ALA C 239 -14.94 7.97 -20.88
CA ALA C 239 -13.64 8.60 -20.93
C ALA C 239 -13.80 10.09 -21.09
N VAL C 240 -12.87 10.82 -20.48
CA VAL C 240 -12.80 12.26 -20.71
C VAL C 240 -11.60 12.46 -21.63
N ILE C 241 -11.84 13.15 -22.71
CA ILE C 241 -10.85 13.27 -23.79
C ILE C 241 -10.66 14.72 -24.28
N ILE C 242 -9.49 14.98 -24.82
CA ILE C 242 -9.17 16.28 -25.36
C ILE C 242 -8.43 16.15 -26.71
N ASN C 243 -8.76 17.08 -27.60
CA ASN C 243 -8.09 17.20 -28.87
C ASN C 243 -6.57 17.38 -28.68
N ARG C 244 -5.78 16.60 -29.40
CA ARG C 244 -4.32 16.69 -29.18
C ARG C 244 -3.75 18.07 -29.50
N ASP C 245 -4.19 18.68 -30.58
CA ASP C 245 -3.71 20.03 -30.91
C ASP C 245 -4.12 21.08 -29.89
N ALA C 246 -5.30 20.94 -29.30
CA ALA C 246 -5.73 21.94 -28.32
C ALA C 246 -4.87 21.81 -27.08
N PHE C 247 -4.63 20.58 -26.68
CA PHE C 247 -3.78 20.29 -25.56
C PHE C 247 -2.39 20.90 -25.80
N ALA C 248 -1.89 20.80 -27.04
CA ALA C 248 -0.55 21.30 -27.38
C ALA C 248 -0.43 22.85 -27.28
N ARG C 249 -1.56 23.53 -27.22
CA ARG C 249 -1.51 25.00 -27.13
C ARG C 249 -1.30 25.47 -25.70
N LEU C 250 -1.44 24.58 -24.72
CA LEU C 250 -1.19 24.96 -23.33
C LEU C 250 0.32 25.02 -23.04
N SER C 251 0.72 25.91 -22.13
CA SER C 251 2.10 25.90 -21.64
C SER C 251 2.37 24.54 -21.00
N LYS C 252 3.63 24.21 -20.79
CA LYS C 252 3.96 22.96 -20.12
C LYS C 252 3.40 22.93 -18.69
N GLN C 253 3.50 24.06 -17.98
CA GLN C 253 2.98 24.15 -16.61
C GLN C 253 1.47 23.82 -16.56
N ASP C 254 0.71 24.43 -17.47
CA ASP C 254 -0.73 24.23 -17.51
C ASP C 254 -1.14 22.87 -18.07
N GLN C 255 -0.34 22.32 -18.97
CA GLN C 255 -0.53 20.92 -19.35
C GLN C 255 -0.42 20.07 -18.10
N ASP C 256 0.65 20.30 -17.32
CA ASP C 256 0.87 19.46 -16.13
C ASP C 256 -0.31 19.61 -15.19
N THR C 257 -0.82 20.83 -15.08
CA THR C 257 -1.97 21.08 -14.22
C THR C 257 -3.21 20.35 -14.73
N LEU C 258 -3.43 20.40 -16.05
CA LEU C 258 -4.58 19.71 -16.62
C LEU C 258 -4.46 18.20 -16.34
N VAL C 259 -3.27 17.63 -16.57
CA VAL C 259 -3.05 16.21 -16.34
C VAL C 259 -3.17 15.85 -14.86
N ARG C 260 -2.57 16.66 -14.00
CA ARG C 260 -2.69 16.46 -12.55
C ARG C 260 -4.14 16.49 -12.07
N LEU C 261 -4.96 17.36 -12.67
CA LEU C 261 -6.41 17.45 -12.34
C LEU C 261 -7.24 16.42 -13.10
N SER C 262 -6.58 15.62 -13.93
CA SER C 262 -7.26 14.53 -14.61
C SER C 262 -6.94 13.20 -13.90
N GLY C 263 -6.90 12.12 -14.67
CA GLY C 263 -6.45 10.84 -14.17
C GLY C 263 -7.16 10.45 -12.89
N ARG C 264 -6.37 10.04 -11.92
CA ARG C 264 -6.91 9.70 -10.62
C ARG C 264 -7.79 10.78 -9.97
N HIS C 265 -7.36 12.04 -10.01
CA HIS C 265 -8.13 13.13 -9.43
C HIS C 265 -9.54 13.23 -10.09
N LEU C 266 -9.54 13.13 -11.40
CA LEU C 266 -10.77 13.19 -12.16
C LEU C 266 -11.69 12.02 -11.83
N ALA C 267 -11.11 10.83 -11.75
CA ALA C 267 -11.85 9.62 -11.44
C ALA C 267 -12.56 9.83 -10.14
N GLU C 268 -11.83 10.39 -9.20
CA GLU C 268 -12.37 10.62 -7.88
C GLU C 268 -13.50 11.63 -7.88
N LEU C 269 -13.30 12.74 -8.58
CA LEU C 269 -14.31 13.79 -8.69
C LEU C 269 -15.58 13.29 -9.40
N ALA C 270 -15.40 12.64 -10.55
CA ALA C 270 -16.54 12.19 -11.35
C ALA C 270 -17.26 11.07 -10.60
N GLY C 271 -16.48 10.15 -10.06
CA GLY C 271 -17.03 9.07 -9.26
C GLY C 271 -17.91 9.59 -8.15
N ARG C 272 -17.43 10.60 -7.44
CA ARG C 272 -18.20 11.12 -6.31
C ARG C 272 -19.44 11.83 -6.80
N ALA C 273 -19.38 12.39 -8.00
CA ALA C 273 -20.53 13.06 -8.56
C ALA C 273 -21.65 12.04 -8.78
N TRP C 274 -21.30 10.90 -9.38
CA TRP C 274 -22.28 9.83 -9.57
C TRP C 274 -22.85 9.34 -8.23
N ASP C 275 -21.96 9.07 -7.29
CA ASP C 275 -22.37 8.59 -5.98
C ASP C 275 -23.31 9.59 -5.31
N THR C 276 -23.00 10.87 -5.43
CA THR C 276 -23.81 11.91 -4.80
C THR C 276 -25.23 11.90 -5.33
N HIS C 277 -25.36 11.86 -6.65
CA HIS C 277 -26.66 11.82 -7.27
C HIS C 277 -27.40 10.49 -7.06
N ASP C 278 -26.68 9.37 -7.00
CA ASP C 278 -27.32 8.09 -6.73
C ASP C 278 -27.91 8.16 -5.32
N ALA C 279 -27.12 8.69 -4.40
CA ALA C 279 -27.52 8.76 -2.99
C ALA C 279 -28.79 9.60 -2.83
N ALA C 280 -28.82 10.75 -3.51
CA ALA C 280 -29.99 11.61 -3.47
C ALA C 280 -31.19 11.04 -4.22
N ALA C 281 -30.95 10.19 -5.21
CA ALA C 281 -32.04 9.46 -5.88
C ALA C 281 -32.72 8.39 -5.04
N ARG C 282 -32.07 7.90 -3.98
CA ARG C 282 -32.63 6.80 -3.21
C ARG C 282 -34.01 7.13 -2.66
N LYS C 283 -34.22 8.38 -2.26
CA LYS C 283 -35.48 8.74 -1.63
C LYS C 283 -36.63 8.56 -2.64
N VAL C 284 -36.37 8.79 -3.92
CA VAL C 284 -37.39 8.55 -4.95
C VAL C 284 -37.57 7.06 -5.21
N LEU C 285 -36.44 6.38 -5.40
CA LEU C 285 -36.44 4.96 -5.64
C LEU C 285 -37.17 4.16 -4.55
N GLU C 286 -36.97 4.58 -3.30
CA GLU C 286 -37.52 3.89 -2.12
C GLU C 286 -38.85 4.46 -1.68
N GLY C 287 -39.37 5.39 -2.50
CA GLY C 287 -40.49 6.24 -2.13
C GLY C 287 -41.84 5.57 -2.10
N GLY C 288 -41.96 4.43 -2.76
CA GLY C 288 -43.19 3.64 -2.70
C GLY C 288 -43.93 3.58 -4.03
N GLU C 289 -43.78 4.58 -4.89
CA GLU C 289 -44.45 4.52 -6.19
C GLU C 289 -43.76 3.54 -7.15
N ILE C 290 -42.53 3.16 -6.84
CA ILE C 290 -41.86 2.07 -7.54
C ILE C 290 -41.85 0.82 -6.66
N GLU C 291 -42.18 -0.31 -7.22
CA GLU C 291 -42.04 -1.55 -6.48
C GLU C 291 -40.57 -1.97 -6.53
N LEU C 292 -39.89 -1.77 -5.40
CA LEU C 292 -38.47 -1.97 -5.31
C LEU C 292 -38.16 -3.37 -4.80
N VAL C 293 -37.42 -4.13 -5.60
CA VAL C 293 -37.05 -5.49 -5.26
C VAL C 293 -35.55 -5.58 -5.02
N LYS C 294 -35.19 -6.26 -3.93
CA LYS C 294 -33.82 -6.65 -3.73
C LYS C 294 -33.74 -8.07 -4.23
N ALA C 295 -32.96 -8.27 -5.29
CA ALA C 295 -32.83 -9.59 -5.92
C ALA C 295 -32.59 -10.66 -4.83
N ASP C 296 -33.43 -11.69 -4.82
CA ASP C 296 -33.23 -12.78 -3.88
C ASP C 296 -32.10 -13.69 -4.34
N ASP C 297 -31.74 -14.67 -3.51
CA ASP C 297 -30.54 -15.47 -3.73
C ASP C 297 -30.55 -16.28 -5.03
N ALA C 298 -31.70 -16.89 -5.36
CA ALA C 298 -31.86 -17.59 -6.63
C ALA C 298 -31.64 -16.65 -7.82
N LEU C 299 -32.20 -15.43 -7.74
CA LEU C 299 -32.07 -14.51 -8.84
C LEU C 299 -30.62 -14.06 -9.01
N ILE C 300 -29.96 -13.72 -7.90
CA ILE C 300 -28.55 -13.34 -7.96
C ILE C 300 -27.75 -14.48 -8.60
N GLU C 301 -28.01 -15.71 -8.15
CA GLU C 301 -27.24 -16.85 -8.64
C GLU C 301 -27.44 -17.12 -10.14
N ALA C 302 -28.68 -16.94 -10.59
CA ALA C 302 -29.02 -17.17 -11.98
C ALA C 302 -28.31 -16.16 -12.85
N VAL C 303 -28.26 -14.90 -12.39
CA VAL C 303 -27.55 -13.88 -13.14
C VAL C 303 -26.06 -14.19 -13.13
N ARG C 304 -25.55 -14.66 -12.00
CA ARG C 304 -24.15 -15.03 -11.91
C ARG C 304 -23.88 -16.11 -12.96
N GLU C 305 -24.74 -17.13 -12.95
CA GLU C 305 -24.60 -18.25 -13.86
C GLU C 305 -24.60 -17.78 -15.32
N ARG C 306 -25.53 -16.91 -15.71
CA ARG C 306 -25.63 -16.49 -17.12
C ARG C 306 -24.43 -15.67 -17.57
N THR C 307 -23.79 -14.98 -16.63
CA THR C 307 -22.74 -14.04 -16.95
C THR C 307 -21.37 -14.58 -16.55
N LYS C 308 -21.30 -15.85 -16.19
CA LYS C 308 -20.04 -16.41 -15.66
C LYS C 308 -18.90 -16.33 -16.65
N GLY C 309 -19.22 -16.28 -17.94
CA GLY C 309 -18.23 -16.33 -19.00
C GLY C 309 -17.54 -15.01 -19.27
N PHE C 310 -18.15 -13.92 -18.83
CA PHE C 310 -17.70 -12.57 -19.23
C PHE C 310 -16.27 -12.26 -18.84
N GLU C 311 -15.87 -12.67 -17.64
CA GLU C 311 -14.53 -12.39 -17.17
C GLU C 311 -13.48 -13.04 -18.08
N GLN C 312 -13.73 -14.29 -18.48
CA GLN C 312 -12.83 -15.00 -19.37
C GLN C 312 -12.83 -14.41 -20.79
N ALA C 313 -13.95 -13.84 -21.20
CA ALA C 313 -14.01 -13.21 -22.52
C ALA C 313 -13.07 -12.01 -22.56
N TRP C 314 -12.98 -11.29 -21.44
CA TRP C 314 -12.15 -10.10 -21.35
C TRP C 314 -10.67 -10.53 -21.35
N LEU C 315 -10.37 -11.56 -20.57
CA LEU C 315 -9.02 -12.12 -20.53
C LEU C 315 -8.54 -12.53 -21.93
N ASP C 316 -9.41 -13.21 -22.68
CA ASP C 316 -9.06 -13.62 -24.04
C ASP C 316 -8.74 -12.44 -24.98
N ALA C 317 -9.40 -11.31 -24.78
CA ALA C 317 -9.17 -10.16 -25.64
C ALA C 317 -7.88 -9.46 -25.22
N ALA C 318 -7.64 -9.44 -23.91
CA ALA C 318 -6.46 -8.82 -23.35
C ALA C 318 -5.22 -9.61 -23.73
N LYS C 319 -5.42 -10.89 -24.04
CA LYS C 319 -4.34 -11.76 -24.47
C LYS C 319 -4.01 -11.49 -25.94
N ALA C 320 -5.02 -11.49 -26.80
CA ALA C 320 -4.79 -11.27 -28.21
C ALA C 320 -4.03 -9.96 -28.43
N LYS C 321 -4.18 -9.03 -27.47
CA LYS C 321 -3.49 -7.74 -27.53
C LYS C 321 -2.12 -7.78 -26.86
N GLY C 322 -1.87 -8.81 -26.05
CA GLY C 322 -0.54 -9.01 -25.49
C GLY C 322 -0.33 -8.42 -24.09
N ILE C 323 -1.41 -8.39 -23.31
CA ILE C 323 -1.39 -7.77 -22.00
C ILE C 323 -1.54 -8.82 -20.91
N ASP C 324 -1.11 -8.50 -19.69
CA ASP C 324 -1.22 -9.44 -18.59
C ASP C 324 -2.64 -9.45 -18.05
N GLY C 325 -3.54 -10.10 -18.78
CA GLY C 325 -4.96 -10.10 -18.45
C GLY C 325 -5.25 -10.33 -16.98
N PRO C 326 -4.88 -11.51 -16.47
CA PRO C 326 -5.12 -11.86 -15.06
C PRO C 326 -4.47 -10.91 -14.06
N ALA C 327 -3.34 -10.33 -14.42
CA ALA C 327 -2.63 -9.44 -13.51
C ALA C 327 -3.42 -8.13 -13.38
N ALA C 328 -3.79 -7.55 -14.50
CA ALA C 328 -4.54 -6.30 -14.50
C ALA C 328 -5.82 -6.42 -13.65
N LEU C 329 -6.53 -7.53 -13.85
CA LEU C 329 -7.80 -7.73 -13.16
C LEU C 329 -7.58 -7.85 -11.65
N ALA C 330 -6.51 -8.52 -11.25
CA ALA C 330 -6.26 -8.71 -9.83
C ALA C 330 -5.96 -7.35 -9.16
N SER C 331 -5.13 -6.54 -9.79
CA SER C 331 -4.86 -5.19 -9.28
C SER C 331 -6.14 -4.36 -9.12
N PHE C 332 -7.03 -4.44 -10.09
CA PHE C 332 -8.31 -3.72 -10.02
C PHE C 332 -9.07 -4.15 -8.77
N ARG C 333 -9.24 -5.45 -8.60
CA ARG C 333 -10.04 -5.95 -7.48
C ARG C 333 -9.35 -5.70 -6.16
N ALA C 334 -8.03 -5.76 -6.17
CA ALA C 334 -7.23 -5.38 -5.01
C ALA C 334 -7.61 -3.97 -4.57
N GLU C 335 -7.80 -3.07 -5.52
CA GLU C 335 -8.07 -1.69 -5.19
C GLU C 335 -9.53 -1.47 -4.80
N ILE C 336 -10.43 -2.11 -5.53
CA ILE C 336 -11.86 -1.92 -5.26
C ILE C 336 -12.15 -2.29 -3.80
N LYS C 337 -11.46 -3.32 -3.29
CA LYS C 337 -11.63 -3.76 -1.89
C LYS C 337 -11.08 -2.74 -0.88
N GLN C 338 -9.79 -2.45 -0.99
CA GLN C 338 -9.15 -1.47 -0.12
C GLN C 338 -9.93 -0.15 -0.05
N LEU C 339 -10.70 0.13 -1.09
CA LEU C 339 -11.46 1.37 -1.11
C LEU C 339 -12.87 1.14 -0.58
N ASP C 340 -13.53 0.08 -1.06
CA ASP C 340 -14.88 -0.24 -0.60
C ASP C 340 -14.81 -0.65 0.87
C1 RMN D . 8.43 -23.07 4.04
C2 RMN D . 7.76 -21.99 4.59
C3 RMN D . 6.39 -22.04 4.80
C4 RMN D . 5.67 -23.16 4.42
C5 RMN D . 6.34 -24.25 3.86
C6 RMN D . 7.71 -24.19 3.67
C7 RMN D . 9.91 -23.01 3.80
C10 RMN D . 10.15 -22.84 2.33
O8 RMN D . 10.56 -24.16 4.15
O11 RMN D . 10.28 -23.84 1.54
O12 RMN D . 10.17 -21.66 1.85
H2 RMN D . 8.25 -21.20 4.85
H3 RMN D . 5.93 -21.28 5.18
H4 RMN D . 4.70 -23.20 4.57
H5 RMN D . 5.84 -25.04 3.60
H6 RMN D . 8.16 -24.94 3.27
H7 RMN D . 10.29 -22.25 4.28
HO8 RMN D . 11.38 -23.97 4.44
C1 PGE E . 19.36 -9.67 7.87
O1 PGE E . 19.15 -10.30 6.64
C2 PGE E . 18.61 -10.31 8.99
O2 PGE E . 19.33 -11.35 9.54
C3 PGE E . 19.02 -11.79 10.82
C4 PGE E . 20.27 -12.36 11.39
O4 PGE E . 23.08 -10.55 13.88
C6 PGE E . 22.46 -11.56 13.15
C5 PGE E . 21.05 -11.71 13.59
O3 PGE E . 20.30 -12.54 12.76
H1 PGE E . 20.31 -9.70 8.07
H12 PGE E . 19.08 -8.74 7.80
HO1 PGE E . 19.58 -9.86 6.01
H2 PGE E . 17.75 -10.65 8.65
H22 PGE E . 18.44 -9.65 9.67
H3 PGE E . 18.33 -12.46 10.79
H32 PGE E . 18.73 -11.04 11.37
H4 PGE E . 21.02 -11.78 11.15
H42 PGE E . 20.42 -13.22 10.96
HO4 PGE E . 23.84 -10.33 13.50
H6 PGE E . 22.48 -11.32 12.21
H62 PGE E . 22.93 -12.39 13.29
H5 PGE E . 20.63 -10.82 13.59
H52 PGE E . 21.01 -12.06 14.49
C1 PGE F . 20.43 -14.10 24.98
O1 PGE F . 20.11 -13.39 26.13
C2 PGE F . 21.86 -14.49 25.04
O2 PGE F . 22.13 -15.37 24.02
C3 PGE F . 23.32 -16.06 24.04
C4 PGE F . 24.45 -15.13 23.79
O4 PGE F . 26.77 -16.13 26.68
C6 PGE F . 26.54 -14.77 26.60
C5 PGE F . 26.26 -14.42 25.18
O3 PGE F . 25.46 -15.43 24.67
H1 PGE F . 20.27 -13.54 24.20
H12 PGE F . 19.87 -14.89 24.93
HO1 PGE F . 19.97 -13.97 26.80
H2 PGE F . 22.41 -13.71 24.95
H22 PGE F . 22.04 -14.92 25.89
H3 PGE F . 23.43 -16.50 24.90
H32 PGE F . 23.31 -16.74 23.34
H4 PGE F . 24.76 -15.21 22.87
H42 PGE F . 24.15 -14.22 23.95
HO4 PGE F . 26.01 -16.55 26.83
H6 PGE F . 27.35 -14.30 26.89
H62 PGE F . 25.79 -14.53 27.16
H5 PGE F . 27.08 -14.37 24.67
H52 PGE F . 25.78 -13.58 25.14
C1 SMN G . 5.97 15.57 7.93
C2 SMN G . 4.84 16.06 8.59
C3 SMN G . 3.71 16.45 7.89
C4 SMN G . 3.75 16.36 6.50
C5 SMN G . 4.87 15.90 5.85
C6 SMN G . 6.00 15.51 6.55
C7 SMN G . 7.16 15.17 8.75
C10 SMN G . 6.94 13.73 9.13
O8 SMN G . 8.24 15.48 7.99
O11 SMN G . 7.21 12.75 8.38
O12 SMN G . 6.39 13.48 10.22
H2 SMN G . 4.85 16.09 9.55
H3 SMN G . 2.93 16.78 8.36
H4 SMN G . 2.97 16.64 5.98
H5 SMN G . 4.87 15.85 4.88
H6 SMN G . 6.78 15.17 6.09
H7 SMN G . 7.17 15.70 9.56
HO8 SMN G . 8.70 16.13 8.37
C1 RMN H . -25.03 6.15 -19.33
C2 RMN H . -24.73 7.40 -19.83
C3 RMN H . -25.05 8.53 -19.10
C4 RMN H . -25.70 8.41 -17.89
C5 RMN H . -26.00 7.16 -17.40
C6 RMN H . -25.68 6.04 -18.12
C7 RMN H . -24.72 4.93 -20.10
C10 RMN H . -26.03 4.49 -20.65
O8 RMN H . -24.17 3.91 -19.36
O11 RMN H . -26.72 3.59 -20.08
O12 RMN H . -26.46 5.08 -21.69
H2 RMN H . -24.27 7.49 -20.68
H3 RMN H . -24.82 9.41 -19.44
H4 RMN H . -25.91 9.20 -17.38
H5 RMN H . -26.46 7.07 -16.54
H6 RMN H . -25.91 5.15 -17.78
H7 RMN H . -24.11 5.14 -20.83
HO8 RMN H . -23.92 3.24 -19.88
C1 SMN I . -25.26 6.46 -18.91
C2 SMN I . -25.05 7.74 -19.39
C3 SMN I . -25.61 8.82 -18.75
C4 SMN I . -26.37 8.63 -17.61
C5 SMN I . -26.58 7.35 -17.12
C6 SMN I . -26.02 6.27 -17.78
C7 SMN I . -24.66 5.29 -19.61
C10 SMN I . -25.72 4.63 -20.40
O8 SMN I . -23.70 5.74 -20.49
O11 SMN I . -25.82 4.92 -21.62
O12 SMN I . -26.54 3.82 -19.86
H2 SMN I . -24.52 7.87 -20.20
H3 SMN I . -25.47 9.72 -19.09
H4 SMN I . -26.76 9.39 -17.15
H5 SMN I . -27.11 7.21 -16.32
H6 SMN I . -26.15 5.37 -17.44
H7 SMN I . -24.27 4.68 -18.97
HO8 SMN I . -23.06 5.13 -20.56
#